data_2PYX
#
_entry.id   2PYX
#
_cell.length_a   97.545
_cell.length_b   109.613
_cell.length_c   120.036
_cell.angle_alpha   90.000
_cell.angle_beta   90.000
_cell.angle_gamma   90.000
#
_symmetry.space_group_name_H-M   'P 21 21 21'
#
loop_
_entity.id
_entity.type
_entity.pdbx_description
1 polymer 'Tryptophan halogenase'
2 non-polymer 'CHLORIDE ION'
3 non-polymer 'L(+)-TARTARIC ACID'
4 non-polymer 'TETRAETHYLENE GLYCOL'
5 water water
#
_entity_poly.entity_id   1
_entity_poly.type   'polypeptide(L)'
_entity_poly.pdbx_seq_one_letter_code
;G(MSE)(MSE)QKPITEIIIVGGGTAGWITAGLLAAEHNVDKGVLAHSPKLNITLIESPDVATIGVGEGTWPS(MSE)RS
TLSKIGIDENDFIRQCDASFKQGSRFINWCKDPQSNVADSYLHPFSLPHGHQELDLCPYWLPHAEQVSFAEAVCSQQVLT
QLGLAPKSIVTAQYHFQNNYGYHLNAAKFSQLLTEHCTQKLGVTHIRDHVSQIINNQHGDIEKLITKQNGEISGQLFIDC
TGAKSLLLGEHLQVPFLSQKSVLFNDRALAIQVPYSDANSPIASCTHSTAQPNGWIWDIGLPTRKGVGYVYSSSHTNDID
AQKTLFNYLGVDGAAADKLEPRQLAINPGYRAKCWQNNCIAIG(MSE)AAGFIEPLEASALALIEWTASTLAQQLPPNR
(MSE)V(MSE)DTISARVNERYQQHWQQIIDFLKLHYVISQRQEDRYWRDHRESNSIPDSLQA(MSE)LELWRYQTPSQQ
DISYKEALFPAASFQYVLYG(MSE)SFNTQLPTHVKPS(MSE)QQLAQRLFNDNQQRTQALSKNLPTNRELLDKVAQYGF
PKL
;
_entity_poly.pdbx_strand_id   A,B
#
# COMPACT_ATOMS: atom_id res chain seq x y z
N GLY A 1 1.64 -25.12 25.21
CA GLY A 1 1.93 -26.42 24.52
C GLY A 1 2.69 -26.29 23.21
N GLN A 4 2.31 -23.37 20.89
CA GLN A 4 2.83 -22.09 21.39
CA GLN A 4 2.84 -22.09 21.37
C GLN A 4 4.37 -22.04 21.40
N LYS A 5 5.01 -23.13 21.01
CA LYS A 5 6.47 -23.20 20.97
C LYS A 5 6.98 -22.20 19.93
N PRO A 6 7.92 -21.32 20.29
CA PRO A 6 8.46 -20.40 19.28
C PRO A 6 9.00 -21.10 18.05
N ILE A 7 8.81 -20.52 16.87
CA ILE A 7 9.37 -21.11 15.66
C ILE A 7 10.84 -20.73 15.54
N THR A 8 11.70 -21.71 15.83
CA THR A 8 13.15 -21.47 15.78
C THR A 8 13.89 -22.48 14.93
N GLU A 9 13.30 -23.65 14.67
CA GLU A 9 14.01 -24.70 13.95
C GLU A 9 13.60 -24.67 12.50
N ILE A 10 14.49 -24.16 11.65
CA ILE A 10 14.16 -23.88 10.25
C ILE A 10 15.02 -24.75 9.37
N ILE A 11 14.37 -25.54 8.50
CA ILE A 11 15.01 -26.45 7.60
C ILE A 11 14.75 -26.04 6.17
N ILE A 12 15.82 -25.74 5.44
CA ILE A 12 15.78 -25.38 4.02
C ILE A 12 16.19 -26.58 3.20
N VAL A 13 15.33 -26.99 2.28
CA VAL A 13 15.56 -28.19 1.51
C VAL A 13 15.92 -27.75 0.10
N GLY A 14 17.21 -27.85 -0.23
CA GLY A 14 17.73 -27.35 -1.46
C GLY A 14 18.66 -26.17 -1.26
N GLY A 15 19.73 -26.14 -2.07
CA GLY A 15 20.65 -25.06 -2.06
C GLY A 15 20.37 -24.08 -3.20
N GLY A 16 21.40 -23.77 -3.98
CA GLY A 16 21.27 -22.82 -5.08
C GLY A 16 20.98 -21.42 -4.56
N THR A 17 20.62 -20.52 -5.45
CA THR A 17 20.36 -19.16 -5.05
C THR A 17 19.13 -19.10 -4.15
N ALA A 18 18.15 -19.95 -4.40
CA ALA A 18 16.91 -19.91 -3.60
C ALA A 18 17.19 -20.26 -2.14
N GLY A 19 17.92 -21.35 -1.93
CA GLY A 19 18.18 -21.80 -0.59
C GLY A 19 19.12 -20.92 0.16
N TRP A 20 20.22 -20.51 -0.50
CA TRP A 20 21.21 -19.70 0.22
C TRP A 20 20.81 -18.25 0.43
N ILE A 21 20.05 -17.67 -0.50
CA ILE A 21 19.54 -16.32 -0.21
C ILE A 21 18.59 -16.39 1.00
N THR A 22 17.76 -17.42 1.03
CA THR A 22 16.85 -17.59 2.15
C THR A 22 17.64 -17.72 3.46
N ALA A 23 18.62 -18.62 3.48
CA ALA A 23 19.41 -18.83 4.69
C ALA A 23 20.04 -17.53 5.18
N GLY A 24 20.62 -16.78 4.24
CA GLY A 24 21.32 -15.55 4.60
C GLY A 24 20.42 -14.48 5.13
N LEU A 25 19.29 -14.28 4.44
CA LEU A 25 18.34 -13.26 4.87
C LEU A 25 17.74 -13.60 6.25
N LEU A 26 17.40 -14.86 6.47
CA LEU A 26 16.88 -15.27 7.78
C LEU A 26 17.92 -15.06 8.89
N ALA A 27 19.15 -15.55 8.66
CA ALA A 27 20.18 -15.47 9.68
C ALA A 27 20.53 -14.01 9.97
N ALA A 28 20.66 -13.21 8.93
CA ALA A 28 21.05 -11.82 9.13
C ALA A 28 19.97 -11.06 9.91
N GLU A 29 18.70 -11.32 9.59
CA GLU A 29 17.60 -10.59 10.24
C GLU A 29 17.45 -10.96 11.72
N HIS A 30 17.62 -12.24 12.05
CA HIS A 30 17.31 -12.70 13.42
C HIS A 30 18.49 -12.99 14.33
N ASN A 31 19.63 -13.32 13.74
CA ASN A 31 20.79 -13.85 14.46
C ASN A 31 22.01 -12.93 14.54
N VAL A 32 21.97 -11.78 13.87
CA VAL A 32 23.14 -10.88 13.71
C VAL A 32 22.75 -9.44 14.09
N ASP A 33 23.66 -8.76 14.80
CA ASP A 33 23.52 -7.35 15.14
C ASP A 33 24.87 -6.71 14.84
N LYS A 34 24.83 -5.65 14.04
CA LYS A 34 26.03 -4.90 13.65
C LYS A 34 27.12 -5.83 13.14
N GLY A 35 26.73 -6.81 12.30
CA GLY A 35 27.66 -7.76 11.70
C GLY A 35 28.22 -8.86 12.58
N VAL A 36 27.72 -8.97 13.80
CA VAL A 36 28.17 -9.96 14.78
C VAL A 36 27.08 -11.00 15.07
N LEU A 37 27.42 -12.27 14.87
CA LEU A 37 26.52 -13.38 15.11
C LEU A 37 26.33 -13.58 16.60
N ALA A 38 25.08 -13.66 17.05
CA ALA A 38 24.76 -13.87 18.45
C ALA A 38 25.30 -15.18 19.01
N HIS A 39 25.69 -15.12 20.28
CA HIS A 39 26.26 -16.28 20.98
C HIS A 39 25.22 -17.38 21.10
N SER A 40 23.99 -17.00 21.38
CA SER A 40 22.90 -17.97 21.43
C SER A 40 21.78 -17.45 20.53
N PRO A 41 21.83 -17.81 19.26
CA PRO A 41 20.95 -17.12 18.31
C PRO A 41 19.51 -17.63 18.34
N LYS A 42 18.61 -16.77 17.90
CA LYS A 42 17.22 -17.11 17.85
C LYS A 42 16.94 -18.35 17.01
N LEU A 43 17.44 -18.35 15.77
CA LEU A 43 17.07 -19.36 14.81
C LEU A 43 18.19 -20.36 14.62
N ASN A 44 17.80 -21.62 14.51
CA ASN A 44 18.70 -22.70 14.17
CA ASN A 44 18.68 -22.70 14.17
C ASN A 44 18.35 -23.13 12.76
N ILE A 45 19.18 -22.68 11.82
CA ILE A 45 18.91 -22.87 10.40
C ILE A 45 19.82 -23.96 9.81
N THR A 46 19.22 -24.97 9.22
CA THR A 46 19.93 -26.04 8.54
C THR A 46 19.49 -26.09 7.09
N LEU A 47 20.46 -26.20 6.18
CA LEU A 47 20.22 -26.32 4.77
C LEU A 47 20.69 -27.69 4.31
N ILE A 48 19.78 -28.47 3.74
CA ILE A 48 20.08 -29.82 3.22
C ILE A 48 20.13 -29.68 1.71
N GLU A 49 21.31 -29.94 1.16
CA GLU A 49 21.60 -29.81 -0.27
C GLU A 49 21.88 -31.20 -0.86
N SER A 50 21.27 -31.48 -2.03
CA SER A 50 21.52 -32.73 -2.74
C SER A 50 23.00 -32.82 -3.12
N PRO A 51 23.61 -34.00 -2.98
CA PRO A 51 24.97 -34.15 -3.50
C PRO A 51 25.04 -34.29 -5.02
N ASP A 52 23.89 -34.37 -5.70
CA ASP A 52 23.84 -34.47 -7.16
C ASP A 52 24.31 -33.17 -7.83
N VAL A 53 25.05 -33.32 -8.94
CA VAL A 53 25.51 -32.16 -9.70
C VAL A 53 24.32 -31.36 -10.23
N ALA A 54 24.34 -30.06 -9.99
CA ALA A 54 23.24 -29.17 -10.39
C ALA A 54 23.28 -28.82 -11.87
N THR A 55 22.10 -28.53 -12.44
CA THR A 55 22.00 -27.95 -13.77
C THR A 55 22.82 -26.66 -13.84
N ILE A 56 23.58 -26.49 -14.92
CA ILE A 56 24.39 -25.30 -15.11
C ILE A 56 23.61 -24.26 -15.92
N GLY A 57 23.82 -22.98 -15.60
CA GLY A 57 23.20 -21.87 -16.31
C GLY A 57 24.26 -21.12 -17.09
N VAL A 58 23.85 -20.04 -17.76
CA VAL A 58 24.75 -19.23 -18.61
C VAL A 58 24.68 -17.73 -18.29
N GLY A 59 24.19 -17.37 -17.10
CA GLY A 59 24.14 -15.98 -16.65
C GLY A 59 22.69 -15.62 -16.37
N GLU A 60 22.50 -14.81 -15.33
CA GLU A 60 21.18 -14.44 -14.86
C GLU A 60 21.19 -12.98 -14.46
N GLY A 61 20.05 -12.30 -14.63
CA GLY A 61 19.88 -10.93 -14.22
C GLY A 61 19.10 -10.77 -12.91
N THR A 62 19.31 -9.60 -12.29
CA THR A 62 18.62 -9.22 -11.07
C THR A 62 17.95 -7.87 -11.22
N TRP A 63 17.17 -7.54 -10.19
CA TRP A 63 16.58 -6.22 -10.04
CA TRP A 63 16.62 -6.20 -10.03
C TRP A 63 17.48 -5.45 -9.04
N PRO A 64 17.22 -4.15 -8.90
CA PRO A 64 18.00 -3.39 -7.94
C PRO A 64 17.86 -3.82 -6.50
N SER A 65 16.79 -4.55 -6.18
CA SER A 65 16.62 -5.14 -4.86
C SER A 65 17.84 -5.95 -4.42
N ARG A 67 20.90 -5.31 -4.59
CA ARG A 67 21.86 -4.49 -3.80
C ARG A 67 21.53 -4.55 -2.31
N SER A 68 20.23 -4.45 -2.01
CA SER A 68 19.76 -4.50 -0.63
CA SER A 68 19.78 -4.50 -0.63
C SER A 68 19.92 -5.89 -0.03
N THR A 69 19.55 -6.92 -0.79
CA THR A 69 19.72 -8.29 -0.31
C THR A 69 21.19 -8.56 0.04
N LEU A 70 22.09 -8.21 -0.85
CA LEU A 70 23.53 -8.44 -0.59
C LEU A 70 24.00 -7.68 0.65
N SER A 71 23.60 -6.43 0.74
CA SER A 71 23.99 -5.63 1.87
C SER A 71 23.45 -6.19 3.21
N LYS A 72 22.18 -6.59 3.22
CA LYS A 72 21.57 -7.19 4.41
C LYS A 72 22.24 -8.50 4.81
N ILE A 73 22.60 -9.32 3.84
CA ILE A 73 23.31 -10.58 4.13
C ILE A 73 24.70 -10.32 4.66
N GLY A 74 25.31 -9.21 4.22
CA GLY A 74 26.61 -8.80 4.68
C GLY A 74 27.73 -9.04 3.71
N ILE A 75 27.40 -9.14 2.42
CA ILE A 75 28.37 -9.36 1.36
C ILE A 75 28.94 -8.01 0.89
N ASP A 76 30.25 -7.98 0.74
CA ASP A 76 30.97 -6.82 0.22
C ASP A 76 30.78 -6.79 -1.31
N GLU A 77 30.47 -5.61 -1.86
CA GLU A 77 30.16 -5.50 -3.28
C GLU A 77 31.34 -5.87 -4.13
N ASN A 78 32.54 -5.49 -3.70
CA ASN A 78 33.72 -5.85 -4.50
C ASN A 78 33.90 -7.37 -4.55
N ASP A 79 33.77 -8.01 -3.39
CA ASP A 79 33.87 -9.46 -3.30
C ASP A 79 32.82 -10.13 -4.21
N PHE A 80 31.58 -9.65 -4.14
CA PHE A 80 30.51 -10.16 -5.00
C PHE A 80 30.86 -10.07 -6.49
N ILE A 81 31.22 -8.86 -6.93
CA ILE A 81 31.52 -8.62 -8.34
C ILE A 81 32.67 -9.49 -8.81
N ARG A 82 33.71 -9.57 -7.98
CA ARG A 82 34.91 -10.31 -8.35
C ARG A 82 34.62 -11.80 -8.40
N GLN A 83 33.89 -12.32 -7.43
CA GLN A 83 33.71 -13.76 -7.29
C GLN A 83 32.57 -14.36 -8.13
N CYS A 84 31.62 -13.53 -8.55
CA CYS A 84 30.42 -14.02 -9.23
C CYS A 84 30.37 -13.65 -10.71
N ASP A 85 31.50 -13.20 -11.26
CA ASP A 85 31.58 -12.78 -12.65
CA ASP A 85 31.58 -12.78 -12.66
C ASP A 85 30.46 -11.80 -12.98
N ALA A 86 30.31 -10.79 -12.15
CA ALA A 86 29.16 -9.89 -12.28
C ALA A 86 29.47 -8.63 -13.08
N SER A 87 28.44 -8.10 -13.73
CA SER A 87 28.47 -6.77 -14.32
CA SER A 87 28.44 -6.79 -14.37
C SER A 87 27.19 -6.03 -13.88
N PHE A 88 27.12 -4.72 -14.17
CA PHE A 88 25.99 -3.90 -13.77
C PHE A 88 24.90 -3.96 -14.80
N LYS A 89 23.67 -4.13 -14.33
CA LYS A 89 22.48 -4.15 -15.20
C LYS A 89 21.61 -2.94 -14.86
N GLN A 90 21.28 -2.13 -15.84
CA GLN A 90 20.47 -0.92 -15.66
C GLN A 90 19.05 -0.98 -16.22
N GLY A 91 18.66 -2.17 -16.67
CA GLY A 91 17.32 -2.44 -17.19
C GLY A 91 17.37 -3.45 -18.32
N SER A 92 16.30 -3.47 -19.11
CA SER A 92 16.14 -4.33 -20.27
C SER A 92 15.87 -3.48 -21.50
N ARG A 93 16.62 -3.76 -22.55
CA ARG A 93 16.39 -3.12 -23.83
CA ARG A 93 16.46 -3.14 -23.85
C ARG A 93 15.74 -4.12 -24.77
N PHE A 94 14.61 -3.70 -25.30
CA PHE A 94 13.73 -4.54 -26.14
C PHE A 94 13.91 -4.10 -27.60
N ILE A 95 14.35 -5.05 -28.43
CA ILE A 95 14.72 -4.78 -29.81
C ILE A 95 13.77 -5.59 -30.68
N ASN A 96 13.19 -4.94 -31.69
CA ASN A 96 12.34 -5.56 -32.69
C ASN A 96 11.05 -6.17 -32.15
N TRP A 97 10.58 -5.68 -31.02
CA TRP A 97 9.35 -6.20 -30.45
C TRP A 97 8.12 -5.55 -31.05
N CYS A 98 8.24 -4.33 -31.55
CA CYS A 98 7.09 -3.58 -31.98
C CYS A 98 6.56 -3.84 -33.40
N LYS A 99 7.50 -4.06 -34.32
CA LYS A 99 7.14 -4.14 -35.74
C LYS A 99 7.84 -5.33 -36.38
N ASP A 100 7.26 -5.83 -37.48
CA ASP A 100 7.96 -6.79 -38.31
C ASP A 100 9.24 -6.11 -38.79
N PRO A 101 10.40 -6.73 -38.55
CA PRO A 101 11.67 -6.05 -38.84
C PRO A 101 11.86 -5.61 -40.29
N GLN A 102 12.32 -4.36 -40.45
CA GLN A 102 12.70 -3.80 -41.76
C GLN A 102 14.13 -3.27 -41.61
N SER A 103 14.96 -3.45 -42.64
CA SER A 103 16.38 -3.16 -42.53
C SER A 103 16.71 -1.69 -42.24
N ASN A 104 15.81 -0.79 -42.68
CA ASN A 104 16.00 0.63 -42.49
C ASN A 104 15.08 1.26 -41.42
N VAL A 105 14.55 0.43 -40.51
CA VAL A 105 13.67 0.92 -39.46
C VAL A 105 14.16 0.44 -38.10
N ALA A 106 14.74 1.37 -37.33
CA ALA A 106 15.14 1.07 -35.95
C ALA A 106 13.90 0.81 -35.10
N ASP A 107 14.01 -0.23 -34.28
CA ASP A 107 12.92 -0.62 -33.36
C ASP A 107 13.56 -1.11 -32.05
N SER A 108 13.63 -0.19 -31.10
CA SER A 108 14.24 -0.46 -29.82
C SER A 108 13.72 0.52 -28.80
N TYR A 109 13.49 0.00 -27.60
CA TYR A 109 13.17 0.88 -26.49
C TYR A 109 13.76 0.31 -25.19
N LEU A 110 13.89 1.18 -24.20
CA LEU A 110 14.45 0.82 -22.90
C LEU A 110 13.40 0.80 -21.81
N HIS A 111 13.48 -0.24 -20.97
CA HIS A 111 12.79 -0.29 -19.71
C HIS A 111 13.88 -0.15 -18.66
N PRO A 112 14.09 1.10 -18.19
CA PRO A 112 15.20 1.36 -17.26
C PRO A 112 14.81 1.00 -15.83
N PHE A 113 15.81 0.76 -14.97
CA PHE A 113 15.57 0.61 -13.54
C PHE A 113 15.32 1.96 -12.81
N SER A 114 15.83 3.07 -13.35
CA SER A 114 15.62 4.37 -12.74
C SER A 114 14.14 4.76 -12.84
N LEU A 115 13.58 5.31 -11.78
CA LEU A 115 12.23 5.86 -11.86
C LEU A 115 12.23 7.20 -12.58
N PRO A 116 11.09 7.58 -13.16
CA PRO A 116 10.97 8.85 -13.85
C PRO A 116 11.40 10.01 -12.98
N HIS A 117 12.11 10.94 -13.56
CA HIS A 117 12.63 12.08 -12.79
C HIS A 117 11.51 12.86 -12.13
N GLY A 118 11.77 13.29 -10.90
CA GLY A 118 10.79 14.05 -10.12
C GLY A 118 9.56 13.29 -9.68
N HIS A 119 9.65 11.97 -9.62
CA HIS A 119 8.49 11.13 -9.28
C HIS A 119 7.85 11.46 -7.92
N GLN A 120 8.64 11.96 -6.97
CA GLN A 120 8.08 12.35 -5.67
C GLN A 120 7.29 13.66 -5.75
N GLU A 121 7.48 14.42 -6.81
CA GLU A 121 6.81 15.70 -6.99
C GLU A 121 5.64 15.67 -7.98
N LEU A 122 5.77 14.90 -9.05
CA LEU A 122 4.81 14.92 -10.15
C LEU A 122 5.08 13.72 -11.06
N ASP A 123 4.02 13.05 -11.47
CA ASP A 123 4.12 11.96 -12.46
C ASP A 123 4.18 12.61 -13.83
N LEU A 124 5.35 12.58 -14.45
CA LEU A 124 5.58 13.26 -15.72
C LEU A 124 4.88 12.62 -16.93
N CYS A 125 4.51 11.34 -16.81
CA CYS A 125 4.01 10.63 -17.95
C CYS A 125 2.92 11.37 -18.75
N PRO A 126 1.80 11.77 -18.12
CA PRO A 126 0.79 12.47 -18.92
C PRO A 126 1.26 13.81 -19.51
N TYR A 127 2.26 14.44 -18.89
CA TYR A 127 2.87 15.67 -19.44
C TYR A 127 3.78 15.40 -20.63
N TRP A 128 4.35 14.20 -20.70
CA TRP A 128 5.14 13.80 -21.84
C TRP A 128 4.26 13.45 -23.05
N LEU A 129 3.09 12.88 -22.79
CA LEU A 129 2.28 12.29 -23.82
CA LEU A 129 2.24 12.30 -23.85
C LEU A 129 2.07 13.15 -25.08
N PRO A 130 1.76 14.46 -24.91
CA PRO A 130 1.60 15.27 -26.13
C PRO A 130 2.84 15.34 -27.02
N HIS A 131 4.01 14.94 -26.49
CA HIS A 131 5.29 15.12 -27.17
C HIS A 131 5.87 13.81 -27.70
N ALA A 132 5.02 12.78 -27.75
CA ALA A 132 5.46 11.43 -28.06
C ALA A 132 6.12 11.26 -29.43
N GLU A 133 5.73 12.09 -30.39
CA GLU A 133 6.28 12.01 -31.72
C GLU A 133 7.60 12.74 -31.81
N GLN A 134 7.94 13.54 -30.81
CA GLN A 134 9.20 14.27 -30.80
C GLN A 134 10.31 13.68 -29.93
N VAL A 135 9.95 12.99 -28.85
CA VAL A 135 10.92 12.44 -27.93
C VAL A 135 10.33 11.20 -27.26
N SER A 136 11.16 10.19 -27.00
CA SER A 136 10.69 8.99 -26.32
C SER A 136 10.37 9.28 -24.88
N PHE A 137 9.43 8.52 -24.33
CA PHE A 137 9.15 8.62 -22.92
C PHE A 137 10.43 8.45 -22.09
N ALA A 138 11.20 7.42 -22.35
CA ALA A 138 12.38 7.17 -21.53
C ALA A 138 13.41 8.29 -21.63
N GLU A 139 13.64 8.81 -22.84
CA GLU A 139 14.55 9.96 -22.92
C GLU A 139 14.02 11.17 -22.15
N ALA A 140 12.70 11.39 -22.20
CA ALA A 140 12.10 12.56 -21.58
C ALA A 140 12.20 12.54 -20.07
N VAL A 141 12.18 11.36 -19.43
CA VAL A 141 12.00 11.26 -17.99
C VAL A 141 13.15 10.62 -17.24
N CYS A 142 14.13 10.08 -17.93
CA CYS A 142 15.25 9.50 -17.22
CA CYS A 142 15.19 9.33 -17.34
C CYS A 142 16.53 9.73 -18.01
N SER A 143 17.65 9.51 -17.35
CA SER A 143 18.95 9.67 -18.01
C SER A 143 19.47 8.35 -18.56
N GLN A 144 18.92 7.22 -18.12
CA GLN A 144 19.49 5.92 -18.49
C GLN A 144 19.36 5.54 -19.94
N GLN A 145 18.36 6.06 -20.63
CA GLN A 145 18.22 5.72 -22.05
C GLN A 145 19.48 6.17 -22.78
N VAL A 146 19.82 7.44 -22.62
CA VAL A 146 20.99 8.01 -23.26
C VAL A 146 22.29 7.36 -22.73
N LEU A 147 22.40 7.17 -21.41
CA LEU A 147 23.63 6.68 -20.83
C LEU A 147 23.91 5.22 -21.20
N THR A 148 22.87 4.39 -21.20
CA THR A 148 23.05 2.99 -21.55
C THR A 148 23.33 2.83 -23.05
N GLN A 149 22.75 3.71 -23.88
CA GLN A 149 23.07 3.69 -25.31
C GLN A 149 24.58 3.91 -25.52
N LEU A 150 25.15 4.73 -24.65
CA LEU A 150 26.59 5.02 -24.66
C LEU A 150 27.47 3.98 -23.96
N GLY A 151 26.86 2.91 -23.45
CA GLY A 151 27.58 1.85 -22.77
C GLY A 151 28.15 2.24 -21.43
N LEU A 152 27.51 3.20 -20.77
CA LEU A 152 28.04 3.69 -19.52
C LEU A 152 27.49 2.97 -18.27
N ALA A 153 28.28 3.03 -17.21
CA ALA A 153 27.97 2.37 -15.96
C ALA A 153 26.94 3.19 -15.14
N PRO A 154 26.41 2.60 -14.05
CA PRO A 154 25.47 3.34 -13.17
C PRO A 154 26.13 4.12 -12.03
N LYS A 155 27.45 4.05 -11.95
CA LYS A 155 28.19 4.67 -10.85
C LYS A 155 29.64 4.84 -11.26
N SER A 156 30.41 5.53 -10.42
CA SER A 156 31.83 5.79 -10.65
CA SER A 156 31.83 5.78 -10.66
C SER A 156 32.64 4.97 -9.66
N ILE A 157 33.95 4.87 -9.90
CA ILE A 157 34.84 4.10 -8.99
C ILE A 157 34.89 4.71 -7.57
N VAL A 158 34.59 6.00 -7.47
CA VAL A 158 34.58 6.71 -6.19
C VAL A 158 33.26 6.58 -5.45
N THR A 159 32.25 6.02 -6.10
CA THR A 159 30.97 5.79 -5.46
C THR A 159 31.03 4.61 -4.47
N ALA A 160 30.36 4.77 -3.34
CA ALA A 160 30.35 3.76 -2.28
C ALA A 160 29.71 2.46 -2.73
N GLN A 161 30.11 1.35 -2.10
CA GLN A 161 29.45 0.07 -2.35
C GLN A 161 27.95 0.21 -2.24
N TYR A 162 27.28 -0.31 -3.27
CA TYR A 162 25.80 -0.43 -3.32
C TYR A 162 25.09 0.92 -3.56
N HIS A 163 25.84 2.02 -3.55
CA HIS A 163 25.30 3.31 -3.93
C HIS A 163 25.40 3.52 -5.42
N PHE A 164 24.74 4.55 -5.91
CA PHE A 164 24.60 4.70 -7.33
C PHE A 164 24.36 6.12 -7.76
N GLN A 165 24.69 6.38 -9.02
CA GLN A 165 24.25 7.57 -9.73
C GLN A 165 22.94 7.32 -10.44
N ASN A 166 22.78 6.14 -11.01
CA ASN A 166 21.49 5.66 -11.52
C ASN A 166 21.26 4.24 -11.00
N ASN A 167 20.01 3.90 -10.68
CA ASN A 167 19.74 2.60 -10.01
C ASN A 167 20.14 1.44 -10.90
N TYR A 168 20.60 0.39 -10.25
CA TYR A 168 21.14 -0.76 -10.93
C TYR A 168 20.92 -2.04 -10.16
N GLY A 169 20.82 -3.12 -10.93
CA GLY A 169 21.02 -4.49 -10.43
C GLY A 169 22.23 -5.08 -11.13
N TYR A 170 22.23 -6.40 -11.29
CA TYR A 170 23.38 -7.11 -11.81
C TYR A 170 23.04 -8.14 -12.89
N HIS A 171 24.06 -8.45 -13.69
CA HIS A 171 24.17 -9.72 -14.40
C HIS A 171 25.21 -10.53 -13.64
N LEU A 172 24.94 -11.82 -13.42
CA LEU A 172 25.82 -12.64 -12.59
C LEU A 172 25.84 -14.10 -13.05
N ASN A 173 26.85 -14.82 -12.60
CA ASN A 173 26.90 -16.29 -12.73
C ASN A 173 26.25 -16.88 -11.48
N ALA A 174 25.09 -17.52 -11.62
CA ALA A 174 24.35 -17.99 -10.45
C ALA A 174 25.06 -19.06 -9.63
N ALA A 175 25.78 -19.95 -10.30
CA ALA A 175 26.48 -21.00 -9.56
C ALA A 175 27.58 -20.39 -8.69
N LYS A 176 28.30 -19.43 -9.24
CA LYS A 176 29.34 -18.76 -8.47
C LYS A 176 28.75 -17.97 -7.30
N PHE A 177 27.57 -17.39 -7.52
CA PHE A 177 26.87 -16.70 -6.45
C PHE A 177 26.45 -17.67 -5.34
N SER A 178 25.87 -18.79 -5.68
CA SER A 178 25.48 -19.79 -4.71
CA SER A 178 25.47 -19.79 -4.70
C SER A 178 26.68 -20.25 -3.88
N GLN A 179 27.83 -20.41 -4.56
CA GLN A 179 29.06 -20.80 -3.84
C GLN A 179 29.53 -19.74 -2.86
N LEU A 180 29.50 -18.49 -3.30
CA LEU A 180 29.84 -17.39 -2.40
C LEU A 180 28.93 -17.36 -1.17
N LEU A 181 27.64 -17.52 -1.41
CA LEU A 181 26.66 -17.50 -0.32
C LEU A 181 26.86 -18.69 0.64
N THR A 182 27.16 -19.87 0.08
CA THR A 182 27.40 -21.03 0.91
C THR A 182 28.52 -20.75 1.90
N GLU A 183 29.60 -20.18 1.36
CA GLU A 183 30.76 -19.81 2.19
C GLU A 183 30.38 -18.77 3.24
N HIS A 184 29.73 -17.70 2.82
CA HIS A 184 29.36 -16.67 3.77
C HIS A 184 28.40 -17.18 4.83
N CYS A 185 27.37 -17.90 4.41
CA CYS A 185 26.34 -18.29 5.36
C CYS A 185 26.82 -19.30 6.39
N THR A 186 27.66 -20.24 5.95
CA THR A 186 28.16 -21.27 6.86
C THR A 186 29.30 -20.77 7.74
N GLN A 187 30.16 -19.92 7.19
CA GLN A 187 31.36 -19.48 7.93
C GLN A 187 31.18 -18.21 8.74
N LYS A 188 30.21 -17.39 8.36
CA LYS A 188 29.97 -16.15 9.06
C LYS A 188 28.59 -16.04 9.69
N LEU A 189 27.58 -16.72 9.13
CA LEU A 189 26.20 -16.59 9.63
C LEU A 189 25.67 -17.82 10.36
N GLY A 190 26.52 -18.81 10.63
CA GLY A 190 26.12 -19.93 11.49
C GLY A 190 25.11 -20.94 10.96
N VAL A 191 24.92 -20.95 9.63
CA VAL A 191 24.03 -21.90 8.99
C VAL A 191 24.70 -23.29 8.94
N THR A 192 23.96 -24.30 9.34
CA THR A 192 24.41 -25.70 9.26
C THR A 192 24.11 -26.24 7.88
N HIS A 193 25.12 -26.84 7.25
CA HIS A 193 25.04 -27.34 5.88
C HIS A 193 25.12 -28.86 5.92
N ILE A 194 24.14 -29.52 5.33
CA ILE A 194 24.15 -31.00 5.21
C ILE A 194 24.08 -31.31 3.74
N ARG A 195 25.03 -32.11 3.24
CA ARG A 195 25.01 -32.56 1.85
CA ARG A 195 24.97 -32.55 1.85
C ARG A 195 24.48 -33.99 1.82
N ASP A 196 23.21 -34.18 1.48
CA ASP A 196 22.56 -35.50 1.54
C ASP A 196 21.21 -35.52 0.84
N HIS A 197 20.65 -36.71 0.66
CA HIS A 197 19.29 -36.89 0.14
C HIS A 197 18.27 -37.04 1.25
N VAL A 198 17.04 -36.65 0.95
CA VAL A 198 15.92 -36.84 1.87
C VAL A 198 15.19 -38.10 1.41
N SER A 199 15.12 -39.07 2.31
CA SER A 199 14.50 -40.35 1.99
C SER A 199 13.02 -40.38 2.35
N GLN A 200 12.66 -39.77 3.47
CA GLN A 200 11.25 -39.67 3.87
C GLN A 200 10.95 -38.30 4.40
N ILE A 201 9.72 -37.86 4.19
CA ILE A 201 9.16 -36.67 4.79
C ILE A 201 8.06 -37.14 5.72
N ILE A 202 8.20 -36.83 7.00
CA ILE A 202 7.29 -37.32 8.04
C ILE A 202 6.40 -36.20 8.55
N ASN A 203 5.10 -36.46 8.59
CA ASN A 203 4.17 -35.49 9.11
C ASN A 203 3.82 -35.78 10.54
N ASN A 204 3.40 -34.74 11.25
CA ASN A 204 2.74 -34.93 12.53
C ASN A 204 1.23 -35.22 12.32
N GLN A 205 0.53 -35.38 13.43
CA GLN A 205 -0.91 -35.75 13.38
C GLN A 205 -1.81 -34.73 12.68
N HIS A 206 -1.36 -33.47 12.60
CA HIS A 206 -2.16 -32.43 12.00
C HIS A 206 -1.84 -32.18 10.53
N GLY A 207 -0.89 -32.92 9.98
CA GLY A 207 -0.56 -32.80 8.55
C GLY A 207 0.57 -31.85 8.24
N ASP A 208 1.17 -31.25 9.28
CA ASP A 208 2.42 -30.51 9.13
C ASP A 208 3.57 -31.47 8.93
N ILE A 209 4.63 -30.99 8.28
CA ILE A 209 5.90 -31.72 8.24
C ILE A 209 6.57 -31.58 9.61
N GLU A 210 7.03 -32.72 10.13
CA GLU A 210 7.65 -32.79 11.46
C GLU A 210 9.16 -33.01 11.35
N LYS A 211 9.56 -33.86 10.44
CA LYS A 211 10.95 -34.19 10.32
C LYS A 211 11.24 -34.84 8.99
N LEU A 212 12.52 -34.80 8.62
CA LEU A 212 13.01 -35.43 7.42
C LEU A 212 13.93 -36.55 7.82
N ILE A 213 13.79 -37.70 7.17
CA ILE A 213 14.72 -38.78 7.39
C ILE A 213 15.65 -38.76 6.21
N THR A 214 16.92 -38.44 6.48
CA THR A 214 17.93 -38.35 5.46
C THR A 214 18.52 -39.72 5.17
N LYS A 215 19.20 -39.83 4.05
CA LYS A 215 19.78 -41.11 3.64
C LYS A 215 20.94 -41.53 4.53
N GLN A 216 21.77 -40.58 4.97
CA GLN A 216 22.92 -40.88 5.83
C GLN A 216 23.25 -39.91 6.97
N ASN A 217 22.35 -38.98 7.29
CA ASN A 217 22.55 -38.03 8.40
C ASN A 217 21.47 -38.14 9.47
N GLY A 218 20.76 -39.26 9.48
CA GLY A 218 19.71 -39.49 10.46
C GLY A 218 18.49 -38.59 10.23
N GLU A 219 17.75 -38.40 11.31
CA GLU A 219 16.49 -37.62 11.29
C GLU A 219 16.80 -36.16 11.62
N ILE A 220 16.23 -35.26 10.80
CA ILE A 220 16.42 -33.82 10.95
C ILE A 220 15.03 -33.28 11.23
N SER A 221 14.82 -32.79 12.45
CA SER A 221 13.53 -32.26 12.87
C SER A 221 13.51 -30.76 12.71
N GLY A 222 12.33 -30.23 12.41
CA GLY A 222 12.17 -28.78 12.33
C GLY A 222 10.73 -28.38 12.45
N GLN A 223 10.52 -27.06 12.46
CA GLN A 223 9.22 -26.46 12.68
C GLN A 223 8.68 -25.75 11.43
N LEU A 224 9.60 -25.35 10.55
CA LEU A 224 9.25 -24.63 9.34
C LEU A 224 10.19 -25.16 8.29
N PHE A 225 9.64 -25.58 7.15
CA PHE A 225 10.38 -26.18 6.07
C PHE A 225 10.31 -25.30 4.83
N ILE A 226 11.46 -25.02 4.21
CA ILE A 226 11.49 -24.17 3.05
C ILE A 226 11.77 -25.06 1.87
N ASP A 227 10.87 -25.07 0.90
CA ASP A 227 11.07 -25.89 -0.28
C ASP A 227 11.86 -25.10 -1.32
N CYS A 228 13.14 -25.43 -1.47
CA CYS A 228 14.01 -24.90 -2.49
C CYS A 228 14.48 -26.01 -3.46
N THR A 229 13.62 -27.00 -3.68
CA THR A 229 13.98 -28.17 -4.49
C THR A 229 13.85 -27.95 -6.01
N GLY A 230 13.52 -26.74 -6.45
CA GLY A 230 13.34 -26.45 -7.88
C GLY A 230 12.01 -26.88 -8.41
N ALA A 231 11.91 -26.98 -9.74
CA ALA A 231 10.63 -27.20 -10.43
C ALA A 231 9.89 -28.47 -9.99
N LYS A 232 10.65 -29.45 -9.53
CA LYS A 232 10.06 -30.66 -8.99
C LYS A 232 9.22 -30.43 -7.75
N SER A 233 9.46 -29.33 -7.02
CA SER A 233 8.57 -28.94 -5.92
C SER A 233 8.21 -30.12 -4.99
N LEU A 234 9.25 -30.73 -4.46
CA LEU A 234 9.06 -31.99 -3.70
C LEU A 234 8.25 -31.88 -2.41
N LEU A 235 8.31 -30.74 -1.74
CA LEU A 235 7.60 -30.54 -0.49
C LEU A 235 6.26 -29.89 -0.73
N LEU A 236 6.25 -28.75 -1.40
CA LEU A 236 5.01 -28.01 -1.53
C LEU A 236 4.06 -28.63 -2.59
N GLY A 237 4.59 -28.83 -3.79
CA GLY A 237 3.78 -29.40 -4.86
C GLY A 237 3.48 -30.86 -4.67
N GLU A 238 4.51 -31.66 -4.40
CA GLU A 238 4.32 -33.12 -4.30
C GLU A 238 3.81 -33.55 -2.93
N HIS A 239 4.60 -33.34 -1.88
CA HIS A 239 4.19 -33.83 -0.54
C HIS A 239 2.87 -33.21 -0.08
N LEU A 240 2.73 -31.89 -0.25
CA LEU A 240 1.55 -31.17 0.22
C LEU A 240 0.46 -30.92 -0.83
N GLN A 241 0.72 -31.36 -2.06
CA GLN A 241 -0.27 -31.37 -3.12
C GLN A 241 -0.85 -30.00 -3.45
N VAL A 242 -0.02 -28.95 -3.36
CA VAL A 242 -0.49 -27.63 -3.74
C VAL A 242 -0.57 -27.59 -5.26
N PRO A 243 -1.73 -27.25 -5.82
CA PRO A 243 -1.90 -27.27 -7.28
C PRO A 243 -1.06 -26.25 -8.03
N PHE A 244 -0.75 -26.62 -9.27
CA PHE A 244 0.00 -25.76 -10.18
C PHE A 244 -0.95 -25.08 -11.15
N LEU A 245 -0.77 -23.78 -11.32
CA LEU A 245 -1.60 -22.95 -12.19
C LEU A 245 -0.81 -22.56 -13.48
N SER A 246 -1.02 -23.35 -14.53
CA SER A 246 -0.33 -23.12 -15.77
C SER A 246 -0.71 -21.78 -16.37
N GLN A 247 0.31 -21.07 -16.88
CA GLN A 247 0.10 -19.82 -17.54
C GLN A 247 0.50 -19.87 -19.01
N LYS A 248 0.64 -21.08 -19.52
CA LYS A 248 1.06 -21.23 -20.92
C LYS A 248 0.01 -20.69 -21.89
N SER A 249 -1.26 -20.69 -21.50
CA SER A 249 -2.31 -20.20 -22.41
C SER A 249 -2.27 -18.66 -22.56
N VAL A 250 -1.49 -18.02 -21.68
CA VAL A 250 -1.22 -16.60 -21.75
C VAL A 250 0.11 -16.31 -22.47
N LEU A 251 1.19 -16.94 -22.05
CA LEU A 251 2.53 -16.60 -22.55
C LEU A 251 3.02 -17.47 -23.70
N PHE A 252 2.47 -18.67 -23.86
CA PHE A 252 2.78 -19.62 -24.94
C PHE A 252 4.13 -20.30 -24.80
N ASN A 253 5.15 -19.54 -24.43
CA ASN A 253 6.53 -20.07 -24.44
C ASN A 253 6.69 -21.18 -23.45
N ASP A 254 7.28 -22.27 -23.92
CA ASP A 254 7.50 -23.44 -23.08
C ASP A 254 8.84 -24.13 -23.42
N ARG A 255 9.71 -23.40 -24.08
CA ARG A 255 11.06 -23.89 -24.43
C ARG A 255 12.07 -22.79 -24.25
N ALA A 256 13.33 -23.19 -23.99
CA ALA A 256 14.44 -22.27 -24.08
C ALA A 256 15.63 -23.05 -24.60
N LEU A 257 16.35 -22.39 -25.48
CA LEU A 257 17.56 -22.95 -26.02
C LEU A 257 18.67 -21.96 -25.69
N ALA A 258 19.61 -22.41 -24.84
CA ALA A 258 20.58 -21.51 -24.19
C ALA A 258 22.03 -21.89 -24.47
N ILE A 259 22.90 -20.88 -24.49
CA ILE A 259 24.31 -21.11 -24.84
C ILE A 259 25.16 -19.95 -24.32
N GLN A 260 26.40 -20.25 -23.95
CA GLN A 260 27.32 -19.16 -23.66
C GLN A 260 28.08 -18.79 -24.94
N VAL A 261 28.42 -17.51 -25.04
CA VAL A 261 28.95 -16.89 -26.25
C VAL A 261 30.19 -16.04 -25.82
N PRO A 262 31.39 -16.41 -26.28
CA PRO A 262 32.52 -15.53 -25.95
C PRO A 262 32.43 -14.19 -26.67
N TYR A 263 33.03 -13.17 -26.09
CA TYR A 263 33.27 -11.91 -26.79
C TYR A 263 34.32 -12.14 -27.86
N SER A 264 34.32 -11.30 -28.87
CA SER A 264 35.30 -11.38 -29.96
C SER A 264 36.69 -10.98 -29.47
N ASP A 265 36.74 -10.01 -28.54
CA ASP A 265 37.98 -9.53 -27.97
C ASP A 265 37.95 -9.56 -26.45
N ALA A 266 39.14 -9.63 -25.86
CA ALA A 266 39.31 -9.66 -24.42
C ALA A 266 38.80 -8.39 -23.73
N ASN A 267 38.69 -7.29 -24.47
CA ASN A 267 38.15 -6.06 -23.90
C ASN A 267 36.95 -5.52 -24.69
N SER A 268 36.20 -6.40 -25.35
CA SER A 268 34.98 -6.00 -26.04
C SER A 268 34.07 -5.26 -25.07
N PRO A 269 33.31 -4.27 -25.57
CA PRO A 269 32.43 -3.55 -24.64
C PRO A 269 31.35 -4.45 -24.04
N ILE A 270 31.01 -4.17 -22.79
CA ILE A 270 29.96 -4.89 -22.06
C ILE A 270 28.72 -4.02 -22.08
N ALA A 271 27.57 -4.59 -22.48
CA ALA A 271 26.31 -3.86 -22.55
C ALA A 271 25.83 -3.49 -21.14
N SER A 272 25.16 -2.34 -21.02
CA SER A 272 24.68 -1.85 -19.73
C SER A 272 23.38 -2.51 -19.28
N CYS A 273 22.67 -3.11 -20.23
CA CYS A 273 21.34 -3.70 -19.96
C CYS A 273 21.27 -5.11 -20.51
N THR A 274 20.31 -5.90 -20.01
CA THR A 274 19.91 -7.12 -20.70
C THR A 274 19.27 -6.74 -22.04
N HIS A 275 19.60 -7.47 -23.11
CA HIS A 275 18.92 -7.29 -24.39
C HIS A 275 17.94 -8.42 -24.60
N SER A 276 16.79 -8.06 -25.15
CA SER A 276 15.73 -8.99 -25.48
C SER A 276 15.32 -8.64 -26.90
N THR A 277 15.63 -9.54 -27.85
CA THR A 277 15.38 -9.27 -29.25
C THR A 277 14.32 -10.25 -29.72
N ALA A 278 13.19 -9.71 -30.12
CA ALA A 278 12.06 -10.49 -30.56
C ALA A 278 12.38 -11.24 -31.86
N GLN A 279 11.84 -12.46 -31.93
CA GLN A 279 12.03 -13.38 -33.05
C GLN A 279 10.65 -13.82 -33.54
N PRO A 280 10.57 -14.62 -34.64
CA PRO A 280 9.24 -15.02 -35.13
C PRO A 280 8.37 -15.76 -34.11
N ASN A 281 8.99 -16.52 -33.22
CA ASN A 281 8.25 -17.40 -32.32
C ASN A 281 8.67 -17.29 -30.86
N GLY A 282 9.20 -16.13 -30.49
CA GLY A 282 9.65 -15.91 -29.14
C GLY A 282 10.62 -14.73 -29.10
N TRP A 283 11.61 -14.82 -28.25
CA TRP A 283 12.59 -13.74 -28.13
C TRP A 283 13.88 -14.31 -27.61
N ILE A 284 14.98 -13.61 -27.92
CA ILE A 284 16.31 -14.01 -27.51
C ILE A 284 16.90 -13.07 -26.46
N TRP A 285 17.31 -13.64 -25.32
CA TRP A 285 17.98 -12.87 -24.27
C TRP A 285 19.46 -12.83 -24.53
N ASP A 286 20.11 -11.77 -24.04
CA ASP A 286 21.54 -11.60 -24.27
C ASP A 286 22.02 -10.87 -23.02
N ILE A 287 22.77 -11.57 -22.18
CA ILE A 287 23.21 -11.09 -20.86
C ILE A 287 24.73 -10.99 -20.93
N GLY A 288 25.26 -9.79 -20.74
CA GLY A 288 26.70 -9.54 -20.83
C GLY A 288 27.36 -9.61 -19.47
N LEU A 289 28.24 -10.61 -19.31
CA LEU A 289 29.14 -10.75 -18.15
C LEU A 289 30.52 -10.23 -18.60
N PRO A 290 31.43 -10.03 -17.64
CA PRO A 290 32.75 -9.56 -18.05
C PRO A 290 33.48 -10.51 -19.00
N THR A 291 33.34 -11.82 -18.78
CA THR A 291 34.11 -12.85 -19.46
C THR A 291 33.44 -13.34 -20.76
N ARG A 292 32.12 -13.16 -20.87
CA ARG A 292 31.37 -13.74 -21.99
C ARG A 292 29.93 -13.29 -21.89
N LYS A 293 29.13 -13.68 -22.87
CA LYS A 293 27.68 -13.45 -22.85
C LYS A 293 26.92 -14.77 -22.67
N GLY A 294 25.74 -14.66 -22.06
CA GLY A 294 24.77 -15.77 -22.02
C GLY A 294 23.65 -15.39 -22.93
N VAL A 295 23.28 -16.31 -23.83
CA VAL A 295 22.26 -16.05 -24.85
C VAL A 295 21.25 -17.20 -24.83
N GLY A 296 19.95 -16.89 -24.99
CA GLY A 296 18.95 -17.94 -25.09
C GLY A 296 17.75 -17.53 -25.88
N TYR A 297 17.17 -18.48 -26.61
CA TYR A 297 15.96 -18.25 -27.34
C TYR A 297 14.83 -18.91 -26.54
N VAL A 298 13.90 -18.06 -26.07
CA VAL A 298 12.65 -18.46 -25.43
C VAL A 298 11.61 -18.54 -26.53
N TYR A 299 10.94 -19.68 -26.63
CA TYR A 299 10.02 -19.87 -27.74
C TYR A 299 8.87 -20.85 -27.40
N SER A 300 7.89 -20.89 -28.28
CA SER A 300 6.68 -21.75 -28.10
C SER A 300 6.77 -22.96 -29.00
N SER A 301 6.77 -24.14 -28.38
CA SER A 301 6.81 -25.39 -29.18
C SER A 301 5.54 -25.64 -29.97
N SER A 302 4.43 -24.96 -29.63
CA SER A 302 3.24 -25.08 -30.45
C SER A 302 3.25 -24.15 -31.64
N HIS A 303 4.31 -23.35 -31.78
CA HIS A 303 4.50 -22.49 -32.94
C HIS A 303 5.70 -22.86 -33.81
N THR A 304 6.72 -23.47 -33.23
CA THR A 304 7.89 -23.91 -33.96
C THR A 304 8.46 -25.19 -33.39
N ASN A 305 9.05 -26.02 -34.28
CA ASN A 305 9.82 -27.16 -33.79
C ASN A 305 11.21 -26.73 -33.30
N ASP A 306 11.96 -27.67 -32.74
CA ASP A 306 13.24 -27.34 -32.17
C ASP A 306 14.32 -27.14 -33.21
N ILE A 307 14.23 -27.85 -34.34
CA ILE A 307 15.19 -27.68 -35.45
C ILE A 307 15.21 -26.24 -35.93
N ASP A 308 14.02 -25.70 -36.19
CA ASP A 308 13.87 -24.35 -36.69
C ASP A 308 14.26 -23.31 -35.61
N ALA A 309 13.90 -23.58 -34.38
CA ALA A 309 14.29 -22.68 -33.29
C ALA A 309 15.79 -22.56 -33.18
N GLN A 310 16.49 -23.68 -33.32
CA GLN A 310 17.94 -23.66 -33.27
C GLN A 310 18.52 -22.81 -34.39
N LYS A 311 17.94 -22.93 -35.58
CA LYS A 311 18.39 -22.11 -36.71
C LYS A 311 18.26 -20.62 -36.41
N THR A 312 17.12 -20.23 -35.85
CA THR A 312 16.91 -18.88 -35.42
C THR A 312 17.96 -18.43 -34.42
N LEU A 313 18.28 -19.27 -33.43
CA LEU A 313 19.31 -18.90 -32.43
C LEU A 313 20.64 -18.66 -33.16
N PHE A 314 20.95 -19.60 -34.04
CA PHE A 314 22.27 -19.52 -34.71
C PHE A 314 22.34 -18.31 -35.63
N ASN A 315 21.25 -17.95 -36.28
CA ASN A 315 21.18 -16.73 -37.07
C ASN A 315 21.48 -15.51 -36.22
N TYR A 316 20.91 -15.46 -35.02
CA TYR A 316 21.15 -14.31 -34.12
C TYR A 316 22.62 -14.23 -33.75
N LEU A 317 23.26 -15.39 -33.55
CA LEU A 317 24.68 -15.46 -33.20
C LEU A 317 25.58 -15.18 -34.39
N GLY A 318 25.04 -15.26 -35.61
CA GLY A 318 25.82 -14.99 -36.81
C GLY A 318 26.71 -16.15 -37.19
N VAL A 319 26.29 -17.38 -36.87
CA VAL A 319 27.10 -18.57 -37.14
C VAL A 319 26.36 -19.53 -38.05
N ASP A 320 27.11 -20.19 -38.92
CA ASP A 320 26.54 -21.23 -39.76
C ASP A 320 27.63 -22.24 -40.09
N GLY A 321 27.28 -23.23 -40.91
CA GLY A 321 28.25 -24.20 -41.39
C GLY A 321 28.92 -24.96 -40.26
N ALA A 322 30.23 -25.13 -40.39
CA ALA A 322 31.01 -25.92 -39.44
C ALA A 322 31.10 -25.26 -38.07
N ALA A 323 31.11 -23.92 -38.07
CA ALA A 323 31.15 -23.15 -36.84
C ALA A 323 29.90 -23.46 -36.00
N ALA A 324 28.74 -23.40 -36.64
CA ALA A 324 27.47 -23.75 -35.98
C ALA A 324 27.44 -25.20 -35.49
N ASP A 325 27.96 -26.13 -36.28
CA ASP A 325 27.99 -27.54 -35.91
C ASP A 325 28.76 -27.85 -34.62
N LYS A 326 29.77 -27.04 -34.27
CA LYS A 326 30.53 -27.25 -33.04
C LYS A 326 29.83 -26.68 -31.79
N LEU A 327 28.80 -25.85 -31.99
CA LEU A 327 28.07 -25.25 -30.86
C LEU A 327 27.17 -26.30 -30.18
N GLU A 328 27.02 -26.20 -28.86
CA GLU A 328 26.23 -27.14 -28.08
C GLU A 328 25.21 -26.38 -27.24
N PRO A 329 24.19 -25.81 -27.91
CA PRO A 329 23.14 -25.18 -27.10
C PRO A 329 22.35 -26.23 -26.30
N ARG A 330 21.78 -25.82 -25.17
CA ARG A 330 21.08 -26.73 -24.24
C ARG A 330 19.59 -26.41 -24.26
N GLN A 331 18.75 -27.44 -24.41
CA GLN A 331 17.28 -27.24 -24.51
C GLN A 331 16.59 -27.57 -23.21
N LEU A 332 15.69 -26.68 -22.79
CA LEU A 332 14.86 -26.89 -21.60
C LEU A 332 13.41 -26.74 -22.00
N ALA A 333 12.57 -27.59 -21.43
CA ALA A 333 11.13 -27.53 -21.65
C ALA A 333 10.43 -27.34 -20.33
N ILE A 334 9.44 -26.47 -20.28
CA ILE A 334 8.72 -26.19 -19.04
C ILE A 334 7.20 -26.10 -19.28
N ASN A 335 6.47 -26.14 -18.17
CA ASN A 335 5.09 -25.67 -18.14
C ASN A 335 5.18 -24.36 -17.29
N PRO A 336 5.19 -23.16 -17.92
CA PRO A 336 5.26 -21.87 -17.22
C PRO A 336 4.02 -21.72 -16.33
N GLY A 337 4.23 -21.28 -15.09
CA GLY A 337 3.12 -21.09 -14.17
C GLY A 337 3.59 -21.06 -12.75
N TYR A 338 2.62 -21.08 -11.85
CA TYR A 338 2.91 -20.93 -10.44
C TYR A 338 1.97 -21.75 -9.60
N ARG A 339 2.48 -22.12 -8.44
CA ARG A 339 1.66 -22.85 -7.50
C ARG A 339 0.60 -21.96 -6.92
N ALA A 340 -0.58 -22.49 -6.61
CA ALA A 340 -1.69 -21.63 -6.20
C ALA A 340 -1.39 -20.82 -4.91
N LYS A 341 -0.58 -21.40 -4.03
CA LYS A 341 -0.10 -20.79 -2.80
C LYS A 341 1.41 -21.04 -2.74
N CYS A 342 2.17 -20.18 -2.08
CA CYS A 342 3.58 -20.49 -1.75
C CYS A 342 3.76 -21.08 -0.35
N TRP A 343 2.75 -21.01 0.50
CA TRP A 343 2.88 -21.41 1.90
C TRP A 343 1.67 -22.29 2.28
N GLN A 344 1.94 -23.55 2.58
CA GLN A 344 0.88 -24.51 2.96
C GLN A 344 1.37 -25.20 4.23
N ASN A 345 0.50 -25.27 5.23
CA ASN A 345 0.86 -25.80 6.53
C ASN A 345 2.14 -25.04 6.97
N ASN A 346 3.20 -25.77 7.26
CA ASN A 346 4.47 -25.20 7.75
C ASN A 346 5.58 -25.28 6.72
N CYS A 347 5.18 -25.17 5.46
CA CYS A 347 6.09 -25.28 4.32
C CYS A 347 5.89 -24.07 3.41
N ILE A 348 6.99 -23.39 3.11
CA ILE A 348 6.97 -22.30 2.14
CA ILE A 348 7.05 -22.25 2.17
C ILE A 348 7.96 -22.60 1.01
N ALA A 349 7.50 -22.41 -0.23
CA ALA A 349 8.29 -22.67 -1.41
C ALA A 349 8.96 -21.37 -1.87
N ILE A 350 10.25 -21.46 -2.16
CA ILE A 350 11.03 -20.31 -2.61
C ILE A 350 11.85 -20.74 -3.84
N GLY A 351 11.80 -19.91 -4.88
CA GLY A 351 12.40 -20.24 -6.14
C GLY A 351 11.46 -21.03 -7.03
N ALA A 353 10.50 -23.98 -7.03
CA ALA A 353 9.54 -24.83 -6.35
C ALA A 353 8.18 -24.15 -6.22
N ALA A 354 8.17 -22.80 -6.17
CA ALA A 354 6.90 -22.05 -6.17
C ALA A 354 6.31 -21.74 -7.54
N GLY A 355 7.16 -21.38 -8.49
CA GLY A 355 6.70 -21.13 -9.83
C GLY A 355 7.84 -20.70 -10.69
N PHE A 356 7.58 -20.64 -11.99
CA PHE A 356 8.59 -20.25 -12.93
C PHE A 356 7.97 -19.98 -14.26
N ILE A 357 8.44 -18.92 -14.91
CA ILE A 357 8.05 -18.60 -16.27
C ILE A 357 9.32 -18.18 -17.01
N GLU A 358 9.20 -17.89 -18.30
CA GLU A 358 10.30 -17.28 -19.05
C GLU A 358 10.93 -16.10 -18.30
N PRO A 359 12.23 -15.89 -18.47
CA PRO A 359 12.96 -14.82 -17.76
C PRO A 359 12.77 -13.42 -18.33
N LEU A 360 11.62 -13.17 -18.98
CA LEU A 360 11.28 -11.85 -19.46
C LEU A 360 11.05 -11.03 -18.20
N GLU A 361 11.77 -9.94 -18.10
CA GLU A 361 11.77 -9.05 -16.94
C GLU A 361 12.37 -9.67 -15.68
N ALA A 362 13.05 -10.81 -15.81
CA ALA A 362 13.90 -11.33 -14.74
C ALA A 362 13.16 -11.43 -13.39
N SER A 363 12.07 -12.16 -13.36
CA SER A 363 11.30 -12.28 -12.14
C SER A 363 11.88 -13.28 -11.17
N ALA A 364 12.76 -14.15 -11.61
CA ALA A 364 13.11 -15.32 -10.77
C ALA A 364 13.83 -14.95 -9.46
N LEU A 365 14.96 -14.23 -9.57
CA LEU A 365 15.66 -13.84 -8.32
C LEU A 365 14.84 -12.83 -7.51
N ALA A 366 14.11 -11.94 -8.18
CA ALA A 366 13.24 -10.98 -7.48
C ALA A 366 12.23 -11.68 -6.59
N LEU A 367 11.63 -12.76 -7.07
CA LEU A 367 10.65 -13.53 -6.28
C LEU A 367 11.34 -14.25 -5.11
N ILE A 368 12.53 -14.80 -5.33
CA ILE A 368 13.28 -15.40 -4.24
C ILE A 368 13.52 -14.35 -3.13
N GLU A 369 14.00 -13.17 -3.52
CA GLU A 369 14.28 -12.11 -2.55
C GLU A 369 12.99 -11.71 -1.84
N TRP A 370 11.90 -11.54 -2.57
CA TRP A 370 10.64 -11.13 -1.96
C TRP A 370 10.21 -12.18 -0.95
N THR A 371 10.22 -13.45 -1.35
CA THR A 371 9.64 -14.45 -0.48
C THR A 371 10.49 -14.61 0.80
N ALA A 372 11.81 -14.67 0.62
CA ALA A 372 12.73 -14.84 1.73
C ALA A 372 12.70 -13.63 2.67
N SER A 373 12.74 -12.44 2.09
CA SER A 373 12.71 -11.24 2.91
CA SER A 373 12.69 -11.22 2.90
C SER A 373 11.37 -11.12 3.67
N THR A 374 10.27 -11.48 3.01
CA THR A 374 8.97 -11.46 3.64
C THR A 374 8.92 -12.42 4.79
N LEU A 375 9.41 -13.64 4.59
CA LEU A 375 9.43 -14.61 5.69
C LEU A 375 10.28 -14.09 6.84
N ALA A 376 11.44 -13.53 6.54
CA ALA A 376 12.29 -13.01 7.58
C ALA A 376 11.62 -11.87 8.36
N GLN A 377 10.85 -11.03 7.67
CA GLN A 377 10.13 -9.94 8.32
C GLN A 377 8.87 -10.35 9.05
N GLN A 378 8.34 -11.50 8.69
CA GLN A 378 7.10 -12.00 9.27
C GLN A 378 7.28 -13.40 9.87
N LEU A 379 8.40 -13.65 10.54
CA LEU A 379 8.63 -14.95 11.12
C LEU A 379 7.49 -15.24 12.10
N PRO A 380 6.78 -16.34 11.88
CA PRO A 380 5.66 -16.56 12.80
C PRO A 380 6.11 -16.82 14.23
N PRO A 381 5.42 -16.20 15.21
CA PRO A 381 5.78 -16.50 16.60
C PRO A 381 5.68 -17.95 16.97
N ASN A 382 4.66 -18.62 16.46
CA ASN A 382 4.38 -20.02 16.82
C ASN A 382 3.42 -20.63 15.78
N ARG A 383 3.10 -21.90 15.96
CA ARG A 383 2.25 -22.58 15.01
C ARG A 383 0.79 -22.16 15.12
N VAL A 385 -0.57 -19.29 15.47
CA VAL A 385 -0.90 -18.07 14.71
C VAL A 385 -0.34 -18.05 13.28
N ASP A 387 -1.07 -19.52 10.51
CA ASP A 387 -1.97 -19.47 9.35
C ASP A 387 -2.45 -18.04 9.05
N THR A 388 -2.48 -17.16 10.03
CA THR A 388 -2.83 -15.77 9.80
C THR A 388 -1.75 -15.13 8.96
N ILE A 389 -0.51 -15.49 9.26
CA ILE A 389 0.61 -14.94 8.50
C ILE A 389 0.69 -15.59 7.12
N SER A 390 0.53 -16.90 7.03
CA SER A 390 0.64 -17.55 5.73
C SER A 390 -0.48 -17.07 4.82
N ALA A 391 -1.67 -16.85 5.38
CA ALA A 391 -2.77 -16.39 4.52
C ALA A 391 -2.43 -15.04 3.88
N ARG A 392 -1.87 -14.09 4.63
CA ARG A 392 -1.61 -12.76 4.07
C ARG A 392 -0.39 -12.80 3.13
N VAL A 393 0.59 -13.65 3.44
CA VAL A 393 1.72 -13.85 2.53
C VAL A 393 1.23 -14.47 1.22
N ASN A 394 0.37 -15.46 1.31
CA ASN A 394 -0.20 -16.04 0.08
C ASN A 394 -0.99 -15.05 -0.74
N GLU A 395 -1.73 -14.17 -0.10
CA GLU A 395 -2.50 -13.19 -0.84
CA GLU A 395 -2.52 -13.19 -0.85
C GLU A 395 -1.54 -12.28 -1.61
N ARG A 396 -0.47 -11.83 -0.96
CA ARG A 396 0.50 -10.94 -1.62
C ARG A 396 1.21 -11.69 -2.74
N TYR A 397 1.57 -12.93 -2.49
CA TYR A 397 2.18 -13.80 -3.52
C TYR A 397 1.30 -13.93 -4.75
N GLN A 398 0.01 -14.12 -4.51
CA GLN A 398 -0.98 -14.21 -5.61
C GLN A 398 -1.07 -12.88 -6.39
N GLN A 399 -1.06 -11.76 -5.67
CA GLN A 399 -1.03 -10.42 -6.29
CA GLN A 399 -1.05 -10.48 -6.34
C GLN A 399 0.23 -10.31 -7.18
N HIS A 400 1.38 -10.68 -6.64
CA HIS A 400 2.66 -10.62 -7.39
C HIS A 400 2.61 -11.42 -8.66
N TRP A 401 2.11 -12.65 -8.57
CA TRP A 401 2.06 -13.52 -9.78
C TRP A 401 1.08 -12.99 -10.81
N GLN A 402 -0.06 -12.47 -10.38
CA GLN A 402 -0.98 -11.86 -11.34
C GLN A 402 -0.29 -10.69 -12.04
N GLN A 403 0.43 -9.87 -11.28
CA GLN A 403 1.12 -8.73 -11.85
C GLN A 403 2.22 -9.16 -12.79
N ILE A 404 2.96 -10.21 -12.45
CA ILE A 404 4.05 -10.67 -13.32
C ILE A 404 3.44 -11.15 -14.64
N ILE A 405 2.39 -11.96 -14.58
CA ILE A 405 1.83 -12.51 -15.80
C ILE A 405 1.30 -11.36 -16.69
N ASP A 406 0.61 -10.43 -16.07
CA ASP A 406 0.02 -9.34 -16.82
C ASP A 406 1.11 -8.44 -17.41
N PHE A 407 2.13 -8.14 -16.62
CA PHE A 407 3.21 -7.26 -17.08
C PHE A 407 3.96 -7.90 -18.24
N LEU A 408 4.31 -9.18 -18.10
CA LEU A 408 4.98 -9.88 -19.21
C LEU A 408 4.09 -9.92 -20.44
N LYS A 409 2.83 -10.29 -20.25
CA LYS A 409 1.91 -10.38 -21.40
C LYS A 409 1.77 -9.04 -22.12
N LEU A 410 1.77 -7.94 -21.36
CA LEU A 410 1.72 -6.58 -21.96
C LEU A 410 2.76 -6.40 -23.06
N HIS A 411 3.96 -6.94 -22.85
CA HIS A 411 5.06 -6.78 -23.80
C HIS A 411 4.66 -7.34 -25.16
N TYR A 412 3.89 -8.40 -25.17
CA TYR A 412 3.45 -9.04 -26.41
C TYR A 412 2.22 -8.38 -27.00
N VAL A 413 1.26 -8.07 -26.15
CA VAL A 413 -0.09 -7.71 -26.65
CA VAL A 413 -0.08 -7.74 -26.66
C VAL A 413 -0.11 -6.44 -27.46
N ILE A 414 0.79 -5.51 -27.14
CA ILE A 414 0.81 -4.21 -27.81
C ILE A 414 1.81 -4.12 -28.96
N SER A 415 2.37 -5.26 -29.36
CA SER A 415 3.12 -5.30 -30.61
C SER A 415 2.21 -5.05 -31.81
N GLN A 416 2.84 -4.59 -32.89
CA GLN A 416 2.15 -4.46 -34.18
CA GLN A 416 2.18 -4.43 -34.19
C GLN A 416 2.65 -5.50 -35.16
N ARG A 417 3.45 -6.43 -34.69
CA ARG A 417 3.95 -7.52 -35.56
C ARG A 417 2.78 -8.30 -36.18
N GLN A 418 2.87 -8.53 -37.49
CA GLN A 418 1.80 -9.14 -38.29
CA GLN A 418 1.80 -9.12 -38.29
C GLN A 418 2.24 -10.37 -39.07
N GLU A 419 3.54 -10.54 -39.32
CA GLU A 419 3.97 -11.60 -40.27
C GLU A 419 3.83 -13.01 -39.72
N ASP A 420 3.93 -13.14 -38.39
CA ASP A 420 3.97 -14.45 -37.77
C ASP A 420 2.74 -14.74 -36.92
N ARG A 421 2.24 -15.96 -37.06
CA ARG A 421 1.07 -16.39 -36.28
C ARG A 421 1.27 -16.19 -34.78
N TYR A 422 2.48 -16.49 -34.32
CA TYR A 422 2.82 -16.35 -32.88
C TYR A 422 2.43 -14.97 -32.36
N TRP A 423 2.80 -13.92 -33.10
CA TRP A 423 2.55 -12.56 -32.64
C TRP A 423 1.08 -12.20 -32.76
N ARG A 424 0.41 -12.66 -33.84
CA ARG A 424 -0.99 -12.42 -33.99
C ARG A 424 -1.76 -13.12 -32.89
N ASP A 425 -1.40 -14.36 -32.57
CA ASP A 425 -2.08 -15.14 -31.51
C ASP A 425 -1.96 -14.44 -30.14
N HIS A 426 -0.85 -13.76 -29.90
CA HIS A 426 -0.64 -13.06 -28.60
C HIS A 426 -1.64 -11.93 -28.38
N ARG A 427 -2.28 -11.42 -29.45
CA ARG A 427 -3.28 -10.36 -29.32
C ARG A 427 -4.69 -10.84 -29.23
N GLU A 428 -4.90 -12.15 -29.26
CA GLU A 428 -6.23 -12.69 -29.19
C GLU A 428 -6.72 -12.75 -27.74
N SER A 429 -8.01 -12.44 -27.54
CA SER A 429 -8.53 -12.23 -26.20
CA SER A 429 -8.57 -12.25 -26.20
C SER A 429 -8.44 -13.46 -25.29
N ASN A 430 -8.49 -14.67 -25.85
CA ASN A 430 -8.45 -15.83 -24.98
C ASN A 430 -7.11 -16.06 -24.34
N SER A 431 -6.10 -15.31 -24.77
CA SER A 431 -4.75 -15.39 -24.24
C SER A 431 -4.42 -14.21 -23.33
N ILE A 432 -5.36 -13.29 -23.16
CA ILE A 432 -5.13 -12.05 -22.39
C ILE A 432 -5.91 -12.11 -21.08
N PRO A 433 -5.22 -12.10 -19.94
CA PRO A 433 -5.96 -12.11 -18.67
C PRO A 433 -7.01 -11.00 -18.56
N ASP A 434 -8.14 -11.31 -17.93
CA ASP A 434 -9.17 -10.30 -17.81
C ASP A 434 -8.63 -9.05 -17.11
N SER A 435 -7.78 -9.22 -16.10
CA SER A 435 -7.23 -8.06 -15.39
C SER A 435 -6.45 -7.15 -16.35
N LEU A 436 -5.68 -7.76 -17.25
CA LEU A 436 -4.92 -6.98 -18.23
C LEU A 436 -5.83 -6.39 -19.28
N GLN A 437 -6.85 -7.13 -19.72
CA GLN A 437 -7.81 -6.55 -20.68
C GLN A 437 -8.41 -5.25 -20.13
N ALA A 438 -8.73 -5.25 -18.83
CA ALA A 438 -9.31 -4.06 -18.22
C ALA A 438 -8.35 -2.90 -18.28
N LEU A 440 -5.77 -2.48 -20.39
CA LEU A 440 -5.56 -2.07 -21.78
C LEU A 440 -6.65 -1.14 -22.27
N GLU A 441 -7.88 -1.39 -21.83
CA GLU A 441 -8.99 -0.53 -22.15
CA GLU A 441 -9.02 -0.52 -22.12
C GLU A 441 -8.85 0.82 -21.43
N LEU A 442 -8.57 0.79 -20.12
CA LEU A 442 -8.42 2.02 -19.37
C LEU A 442 -7.29 2.88 -19.92
N TRP A 443 -6.17 2.25 -20.30
CA TRP A 443 -5.00 3.00 -20.70
C TRP A 443 -5.14 3.64 -22.08
N ARG A 444 -6.16 3.24 -22.84
CA ARG A 444 -6.48 4.01 -24.04
C ARG A 444 -6.85 5.44 -23.69
N TYR A 445 -7.32 5.65 -22.47
CA TYR A 445 -7.95 6.91 -22.07
C TYR A 445 -7.21 7.66 -20.99
N GLN A 446 -6.33 6.99 -20.26
CA GLN A 446 -5.48 7.66 -19.27
C GLN A 446 -4.19 6.89 -19.06
N THR A 447 -3.14 7.56 -18.62
CA THR A 447 -1.89 6.87 -18.40
C THR A 447 -1.97 5.90 -17.23
N PRO A 448 -1.12 4.87 -17.24
CA PRO A 448 -0.95 4.04 -16.03
C PRO A 448 -0.51 4.93 -14.88
N SER A 449 -0.99 4.60 -13.68
CA SER A 449 -0.59 5.39 -12.52
C SER A 449 -0.58 4.52 -11.28
N GLN A 450 -0.09 5.10 -10.19
CA GLN A 450 -0.11 4.39 -8.90
C GLN A 450 -1.50 3.98 -8.48
N GLN A 451 -2.51 4.66 -9.00
CA GLN A 451 -3.92 4.35 -8.67
C GLN A 451 -4.34 2.98 -9.19
N ASP A 452 -3.56 2.43 -10.12
CA ASP A 452 -3.87 1.15 -10.70
C ASP A 452 -3.47 -0.01 -9.82
N ILE A 453 -2.72 0.25 -8.74
CA ILE A 453 -2.19 -0.80 -7.84
C ILE A 453 -2.84 -0.55 -6.45
N SER A 454 -3.50 -1.58 -5.90
CA SER A 454 -4.28 -1.42 -4.68
C SER A 454 -3.52 -1.75 -3.42
N TYR A 455 -2.43 -2.47 -3.56
CA TYR A 455 -1.74 -3.09 -2.42
C TYR A 455 -0.33 -2.54 -2.27
N LYS A 456 0.22 -2.74 -1.09
CA LYS A 456 1.53 -2.21 -0.75
C LYS A 456 2.63 -3.03 -1.43
N GLU A 457 3.74 -2.36 -1.70
CA GLU A 457 4.97 -3.02 -2.06
C GLU A 457 4.87 -3.92 -3.30
N ALA A 458 4.29 -3.37 -4.35
CA ALA A 458 4.22 -4.11 -5.59
C ALA A 458 5.60 -4.43 -6.13
N LEU A 459 5.72 -5.55 -6.85
CA LEU A 459 6.98 -5.89 -7.46
C LEU A 459 7.35 -4.92 -8.57
N PHE A 460 6.39 -4.61 -9.42
CA PHE A 460 6.57 -3.59 -10.46
C PHE A 460 5.74 -2.36 -10.14
N PRO A 461 6.38 -1.17 -10.12
CA PRO A 461 5.59 0.03 -9.96
C PRO A 461 4.98 0.44 -11.25
N ALA A 462 4.06 1.39 -11.17
CA ALA A 462 3.35 1.93 -12.33
C ALA A 462 4.36 2.35 -13.38
N ALA A 463 5.52 2.89 -12.98
CA ALA A 463 6.49 3.37 -13.97
C ALA A 463 6.89 2.27 -14.93
N SER A 464 7.00 1.06 -14.45
CA SER A 464 7.38 -0.05 -15.34
C SER A 464 6.37 -0.25 -16.44
N PHE A 465 5.10 -0.11 -16.08
CA PHE A 465 4.04 -0.22 -17.05
C PHE A 465 4.10 0.93 -18.03
N GLN A 466 4.39 2.13 -17.56
CA GLN A 466 4.55 3.27 -18.45
C GLN A 466 5.70 3.07 -19.42
N TYR A 467 6.83 2.59 -18.92
CA TYR A 467 8.00 2.43 -19.78
C TYR A 467 7.72 1.45 -20.91
N VAL A 468 7.05 0.34 -20.60
CA VAL A 468 6.73 -0.65 -21.63
C VAL A 468 5.63 -0.12 -22.55
N LEU A 469 4.53 0.35 -21.99
CA LEU A 469 3.40 0.79 -22.79
C LEU A 469 3.84 1.85 -23.81
N TYR A 470 4.54 2.87 -23.33
CA TYR A 470 4.94 3.98 -24.20
C TYR A 470 6.25 3.72 -24.91
N GLY A 471 7.09 2.84 -24.41
CA GLY A 471 8.20 2.33 -25.19
C GLY A 471 7.73 1.74 -26.51
N SER A 473 4.99 2.54 -28.11
CA SER A 473 4.20 3.48 -28.91
C SER A 473 2.69 3.35 -28.78
N PHE A 474 2.24 2.84 -27.63
CA PHE A 474 0.81 2.75 -27.39
C PHE A 474 0.18 4.14 -27.31
N ASN A 475 -0.99 4.31 -27.91
CA ASN A 475 -1.66 5.61 -27.90
CA ASN A 475 -1.66 5.61 -27.90
C ASN A 475 -2.65 5.77 -26.76
N THR A 476 -2.49 6.88 -26.02
CA THR A 476 -3.38 7.24 -24.92
C THR A 476 -3.94 8.61 -25.25
N GLN A 477 -5.25 8.76 -25.08
CA GLN A 477 -5.94 10.04 -25.26
C GLN A 477 -5.31 11.11 -24.41
N LEU A 478 -5.06 12.29 -24.98
CA LEU A 478 -4.41 13.36 -24.21
C LEU A 478 -5.32 13.91 -23.11
N PRO A 479 -4.74 14.17 -21.93
CA PRO A 479 -5.45 14.90 -20.88
C PRO A 479 -5.95 16.25 -21.38
N THR A 480 -7.09 16.65 -20.87
CA THR A 480 -7.69 17.96 -21.18
C THR A 480 -7.57 18.81 -19.91
N HIS A 481 -7.79 20.11 -20.08
CA HIS A 481 -7.85 21.04 -18.93
C HIS A 481 -6.67 20.86 -17.99
N VAL A 482 -5.48 20.74 -18.58
CA VAL A 482 -4.26 20.62 -17.82
C VAL A 482 -3.98 21.90 -17.06
N LYS A 483 -3.58 21.75 -15.81
CA LYS A 483 -3.30 22.91 -14.94
C LYS A 483 -1.97 23.57 -15.31
N PRO A 484 -2.00 24.87 -15.67
CA PRO A 484 -0.75 25.57 -15.99
C PRO A 484 0.38 25.42 -14.96
N SER A 485 0.08 25.46 -13.67
CA SER A 485 1.10 25.34 -12.64
C SER A 485 1.84 24.00 -12.77
N GLN A 487 1.87 22.01 -15.57
CA GLN A 487 2.60 22.06 -16.82
C GLN A 487 3.96 22.72 -16.59
N GLN A 488 3.97 23.80 -15.81
CA GLN A 488 5.21 24.53 -15.52
C GLN A 488 6.18 23.70 -14.67
N LEU A 489 5.66 23.00 -13.66
CA LEU A 489 6.46 22.06 -12.85
C LEU A 489 7.03 20.97 -13.77
N ALA A 490 6.16 20.37 -14.58
CA ALA A 490 6.60 19.34 -15.53
C ALA A 490 7.76 19.82 -16.40
N GLN A 491 7.64 21.04 -16.95
CA GLN A 491 8.66 21.56 -17.85
C GLN A 491 9.99 21.74 -17.13
N ARG A 492 9.92 22.22 -15.89
CA ARG A 492 11.11 22.35 -15.07
CA ARG A 492 11.11 22.35 -15.04
C ARG A 492 11.78 20.98 -14.86
N LEU A 493 10.99 19.98 -14.47
CA LEU A 493 11.50 18.62 -14.29
C LEU A 493 12.07 18.01 -15.60
N PHE A 494 11.43 18.24 -16.75
CA PHE A 494 11.97 17.78 -18.03
C PHE A 494 13.35 18.42 -18.30
N ASN A 495 13.42 19.73 -18.08
CA ASN A 495 14.69 20.45 -18.24
C ASN A 495 15.78 19.89 -17.33
N ASP A 496 15.43 19.65 -16.08
CA ASP A 496 16.38 19.16 -15.08
C ASP A 496 16.89 17.78 -15.46
N ASN A 497 15.99 16.94 -15.97
CA ASN A 497 16.41 15.61 -16.43
C ASN A 497 17.39 15.71 -17.57
N GLN A 498 17.12 16.63 -18.50
CA GLN A 498 17.98 16.86 -19.64
C GLN A 498 19.36 17.29 -19.16
N GLN A 499 19.41 18.20 -18.20
CA GLN A 499 20.70 18.69 -17.71
C GLN A 499 21.49 17.60 -16.96
N ARG A 500 20.80 16.81 -16.15
CA ARG A 500 21.42 15.70 -15.45
C ARG A 500 21.97 14.65 -16.39
N THR A 501 21.19 14.31 -17.41
CA THR A 501 21.62 13.38 -18.44
C THR A 501 22.93 13.86 -19.08
N GLN A 502 22.96 15.14 -19.44
CA GLN A 502 24.13 15.68 -20.09
C GLN A 502 25.34 15.59 -19.15
N ALA A 503 25.14 15.95 -17.87
CA ALA A 503 26.27 15.95 -16.93
C ALA A 503 26.80 14.53 -16.76
N LEU A 504 25.90 13.59 -16.54
CA LEU A 504 26.32 12.21 -16.33
C LEU A 504 26.97 11.62 -17.57
N SER A 505 26.52 12.02 -18.75
CA SER A 505 27.05 11.45 -20.00
C SER A 505 28.53 11.78 -20.17
N LYS A 506 28.94 12.87 -19.54
CA LYS A 506 30.33 13.33 -19.62
C LYS A 506 31.23 12.77 -18.51
N ASN A 507 30.66 12.19 -17.47
CA ASN A 507 31.43 11.82 -16.31
C ASN A 507 31.48 10.32 -15.99
N LEU A 508 30.50 9.55 -16.43
CA LEU A 508 30.46 8.13 -16.07
C LEU A 508 31.37 7.29 -16.95
N PRO A 509 31.95 6.22 -16.36
CA PRO A 509 32.80 5.32 -17.10
C PRO A 509 31.99 4.32 -17.92
N THR A 510 32.63 3.70 -18.90
CA THR A 510 32.05 2.51 -19.51
C THR A 510 32.08 1.36 -18.51
N ASN A 511 31.26 0.34 -18.78
CA ASN A 511 31.22 -0.79 -17.89
C ASN A 511 32.57 -1.45 -17.73
N ARG A 512 33.25 -1.73 -18.84
CA ARG A 512 34.53 -2.42 -18.74
C ARG A 512 35.58 -1.56 -18.03
N GLU A 513 35.65 -0.27 -18.36
CA GLU A 513 36.65 0.57 -17.67
C GLU A 513 36.42 0.61 -16.15
N LEU A 514 35.14 0.60 -15.74
CA LEU A 514 34.79 0.59 -14.32
C LEU A 514 35.14 -0.76 -13.68
N LEU A 515 34.71 -1.85 -14.31
CA LEU A 515 34.96 -3.17 -13.80
C LEU A 515 36.46 -3.45 -13.69
N ASP A 516 37.26 -2.93 -14.63
CA ASP A 516 38.71 -3.08 -14.50
C ASP A 516 39.23 -2.47 -13.20
N LYS A 517 38.74 -1.29 -12.85
CA LYS A 517 39.15 -0.63 -11.59
C LYS A 517 38.52 -1.27 -10.36
N VAL A 518 37.33 -1.82 -10.49
CA VAL A 518 36.74 -2.55 -9.37
C VAL A 518 37.60 -3.77 -9.07
N ALA A 519 38.11 -4.43 -10.10
CA ALA A 519 38.96 -5.61 -9.93
C ALA A 519 40.25 -5.23 -9.20
N GLN A 520 40.83 -4.09 -9.57
CA GLN A 520 42.15 -3.68 -9.10
C GLN A 520 42.14 -2.94 -7.76
N TYR A 521 41.14 -2.07 -7.57
CA TYR A 521 41.05 -1.23 -6.38
C TYR A 521 39.78 -1.42 -5.56
N GLY A 522 38.64 -1.56 -6.24
CA GLY A 522 37.37 -1.71 -5.53
C GLY A 522 36.68 -0.38 -5.25
N PHE A 523 35.35 -0.43 -5.07
CA PHE A 523 34.59 0.71 -4.52
C PHE A 523 34.88 0.88 -3.03
N PRO A 524 34.86 2.13 -2.53
CA PRO A 524 35.00 2.29 -1.07
C PRO A 524 33.79 1.79 -0.29
N LYS A 525 34.00 1.42 0.97
CA LYS A 525 32.92 0.98 1.84
C LYS A 525 31.95 2.13 2.13
N LEU A 526 32.48 3.35 2.29
CA LEU A 526 31.67 4.53 2.59
C LEU A 526 31.68 5.50 1.42
N GLY B 1 -18.45 7.52 -29.40
CA GLY B 1 -19.90 7.32 -29.05
C GLY B 1 -20.21 7.81 -27.65
N GLN B 4 -17.94 6.89 -24.91
CA GLN B 4 -16.63 7.57 -24.93
C GLN B 4 -16.69 9.04 -24.57
N LYS B 5 -17.89 9.58 -24.34
CA LYS B 5 -18.04 10.98 -23.95
C LYS B 5 -17.34 11.19 -22.61
N PRO B 6 -16.48 12.21 -22.51
CA PRO B 6 -15.89 12.48 -21.21
C PRO B 6 -16.91 12.71 -20.12
N ILE B 7 -16.59 12.27 -18.89
CA ILE B 7 -17.48 12.50 -17.75
CA ILE B 7 -17.50 12.51 -17.77
C ILE B 7 -17.23 13.89 -17.22
N THR B 8 -18.17 14.79 -17.51
CA THR B 8 -18.06 16.16 -17.06
C THR B 8 -19.28 16.68 -16.30
N GLU B 9 -20.44 16.05 -16.47
CA GLU B 9 -21.67 16.55 -15.88
C GLU B 9 -21.93 15.74 -14.62
N ILE B 10 -21.64 16.37 -13.47
CA ILE B 10 -21.74 15.69 -12.19
CA ILE B 10 -21.68 15.72 -12.17
C ILE B 10 -22.82 16.31 -11.33
N ILE B 11 -23.77 15.49 -10.89
CA ILE B 11 -24.89 15.90 -10.07
C ILE B 11 -24.76 15.30 -8.69
N ILE B 12 -24.71 16.17 -7.67
CA ILE B 12 -24.64 15.77 -6.27
C ILE B 12 -26.02 15.94 -5.68
N VAL B 13 -26.58 14.88 -5.14
CA VAL B 13 -27.95 14.91 -4.63
C VAL B 13 -27.85 14.89 -3.13
N GLY B 14 -28.09 16.06 -2.53
CA GLY B 14 -27.93 16.28 -1.12
C GLY B 14 -26.81 17.24 -0.83
N GLY B 15 -27.02 18.10 0.18
CA GLY B 15 -25.99 19.02 0.60
C GLY B 15 -25.33 18.48 1.87
N GLY B 16 -25.29 19.30 2.91
CA GLY B 16 -24.61 18.90 4.13
C GLY B 16 -23.11 18.76 3.89
N THR B 17 -22.43 18.18 4.88
CA THR B 17 -21.02 18.00 4.79
C THR B 17 -20.68 17.01 3.68
N ALA B 18 -21.49 15.97 3.52
CA ALA B 18 -21.25 14.98 2.46
C ALA B 18 -21.24 15.63 1.08
N GLY B 19 -22.30 16.38 0.78
CA GLY B 19 -22.41 16.99 -0.54
C GLY B 19 -21.40 18.07 -0.82
N TRP B 20 -21.18 18.96 0.15
CA TRP B 20 -20.33 20.10 -0.07
C TRP B 20 -18.86 19.77 -0.02
N ILE B 21 -18.43 18.82 0.84
CA ILE B 21 -17.03 18.36 0.76
C ILE B 21 -16.76 17.72 -0.61
N THR B 22 -17.74 16.95 -1.10
CA THR B 22 -17.62 16.37 -2.42
C THR B 22 -17.48 17.41 -3.52
N ALA B 23 -18.38 18.37 -3.50
CA ALA B 23 -18.36 19.44 -4.48
C ALA B 23 -17.04 20.20 -4.46
N GLY B 24 -16.57 20.54 -3.26
CA GLY B 24 -15.33 21.31 -3.14
C GLY B 24 -14.12 20.55 -3.60
N LEU B 25 -14.03 19.29 -3.23
CA LEU B 25 -12.85 18.49 -3.62
C LEU B 25 -12.84 18.27 -5.14
N LEU B 26 -13.98 17.95 -5.72
CA LEU B 26 -14.06 17.79 -7.16
C LEU B 26 -13.67 19.07 -7.90
N ALA B 27 -14.28 20.19 -7.49
CA ALA B 27 -14.04 21.46 -8.18
C ALA B 27 -12.59 21.87 -8.06
N ALA B 28 -12.05 21.77 -6.85
CA ALA B 28 -10.68 22.16 -6.63
C ALA B 28 -9.67 21.30 -7.41
N GLU B 29 -9.93 20.02 -7.51
CA GLU B 29 -9.01 19.13 -8.19
C GLU B 29 -8.99 19.35 -9.70
N HIS B 30 -10.17 19.64 -10.28
CA HIS B 30 -10.29 19.65 -11.76
C HIS B 30 -10.46 21.01 -12.38
N ASN B 31 -11.02 21.94 -11.62
CA ASN B 31 -11.46 23.24 -12.18
C ASN B 31 -10.69 24.46 -11.74
N VAL B 32 -9.78 24.30 -10.79
CA VAL B 32 -9.12 25.44 -10.12
C VAL B 32 -7.61 25.17 -10.09
N ASP B 33 -6.81 26.20 -10.43
CA ASP B 33 -5.35 26.14 -10.38
C ASP B 33 -4.86 27.38 -9.62
N LYS B 34 -4.11 27.14 -8.54
CA LYS B 34 -3.55 28.22 -7.72
C LYS B 34 -4.65 29.21 -7.28
N GLY B 35 -5.78 28.63 -6.89
CA GLY B 35 -6.93 29.40 -6.44
C GLY B 35 -7.77 30.08 -7.52
N VAL B 36 -7.38 29.94 -8.78
CA VAL B 36 -8.12 30.59 -9.87
C VAL B 36 -8.96 29.56 -10.60
N LEU B 37 -10.24 29.84 -10.72
CA LEU B 37 -11.19 29.01 -11.42
C LEU B 37 -11.04 29.21 -12.91
N ALA B 38 -10.95 28.10 -13.64
CA ALA B 38 -10.77 28.15 -15.11
C ALA B 38 -11.98 28.77 -15.77
N HIS B 39 -11.77 29.52 -16.84
CA HIS B 39 -12.91 30.13 -17.55
C HIS B 39 -13.81 29.10 -18.22
N SER B 40 -13.20 28.04 -18.78
CA SER B 40 -13.97 26.93 -19.34
C SER B 40 -13.54 25.64 -18.66
N PRO B 41 -14.13 25.38 -17.48
CA PRO B 41 -13.61 24.33 -16.63
C PRO B 41 -14.05 22.95 -17.08
N LYS B 42 -13.30 21.97 -16.59
CA LYS B 42 -13.51 20.62 -17.05
C LYS B 42 -14.88 20.12 -16.64
N LEU B 43 -15.21 20.31 -15.34
CA LEU B 43 -16.41 19.73 -14.76
C LEU B 43 -17.52 20.75 -14.57
N ASN B 44 -18.73 20.30 -14.81
CA ASN B 44 -19.95 21.08 -14.52
CA ASN B 44 -19.92 21.08 -14.50
C ASN B 44 -20.64 20.38 -13.36
N ILE B 45 -20.48 20.93 -12.15
CA ILE B 45 -20.94 20.32 -10.94
C ILE B 45 -22.19 21.04 -10.44
N THR B 46 -23.28 20.30 -10.23
CA THR B 46 -24.49 20.86 -9.69
C THR B 46 -24.87 20.09 -8.46
N LEU B 47 -25.14 20.81 -7.38
CA LEU B 47 -25.59 20.21 -6.15
C LEU B 47 -27.04 20.59 -5.92
N ILE B 48 -27.89 19.60 -5.75
CA ILE B 48 -29.32 19.78 -5.50
C ILE B 48 -29.56 19.41 -4.06
N GLU B 49 -29.97 20.43 -3.30
CA GLU B 49 -30.20 20.34 -1.85
CA GLU B 49 -30.20 20.29 -1.87
C GLU B 49 -31.70 20.28 -1.59
N SER B 50 -32.13 19.40 -0.69
CA SER B 50 -33.56 19.26 -0.34
C SER B 50 -33.98 20.43 0.51
N PRO B 51 -35.16 21.02 0.22
CA PRO B 51 -35.68 22.06 1.12
C PRO B 51 -36.15 21.57 2.50
N ASP B 52 -36.27 20.26 2.69
CA ASP B 52 -36.62 19.72 4.02
C ASP B 52 -35.64 20.16 5.09
N VAL B 53 -36.12 20.29 6.32
CA VAL B 53 -35.26 20.71 7.42
C VAL B 53 -34.34 19.55 7.82
N ALA B 54 -33.04 19.80 7.80
CA ALA B 54 -32.05 18.82 8.22
C ALA B 54 -32.10 18.60 9.74
N THR B 55 -31.74 17.39 10.16
CA THR B 55 -31.52 17.10 11.58
C THR B 55 -30.38 17.99 12.09
N ILE B 56 -30.49 18.45 13.33
CA ILE B 56 -29.50 19.34 13.91
C ILE B 56 -28.55 18.50 14.75
N GLY B 57 -27.25 18.74 14.58
CA GLY B 57 -26.22 18.06 15.38
C GLY B 57 -25.85 18.88 16.59
N VAL B 58 -24.93 18.34 17.39
CA VAL B 58 -24.45 19.05 18.58
C VAL B 58 -22.92 19.17 18.59
N GLY B 59 -22.29 18.96 17.44
CA GLY B 59 -20.82 18.97 17.33
C GLY B 59 -20.33 17.65 16.78
N GLU B 60 -19.26 17.71 15.99
CA GLU B 60 -18.72 16.52 15.36
C GLU B 60 -17.19 16.63 15.33
N GLY B 61 -16.52 15.48 15.28
CA GLY B 61 -15.07 15.42 15.23
C GLY B 61 -14.55 14.94 13.88
N THR B 62 -13.28 15.26 13.62
CA THR B 62 -12.58 14.88 12.40
C THR B 62 -11.26 14.21 12.72
N TRP B 63 -10.66 13.63 11.68
CA TRP B 63 -9.29 13.14 11.69
C TRP B 63 -8.38 14.24 11.15
N PRO B 64 -7.07 14.08 11.30
CA PRO B 64 -6.13 15.10 10.74
C PRO B 64 -6.25 15.30 9.24
N SER B 65 -6.79 14.32 8.51
CA SER B 65 -7.09 14.49 7.09
C SER B 65 -7.85 15.75 6.77
N ARG B 67 -7.43 18.70 7.80
CA ARG B 67 -6.52 19.82 7.51
C ARG B 67 -6.23 19.86 6.00
N SER B 68 -5.93 18.69 5.42
CA SER B 68 -5.65 18.58 3.99
CA SER B 68 -5.64 18.61 4.01
C SER B 68 -6.88 18.86 3.16
N THR B 69 -8.01 18.31 3.57
CA THR B 69 -9.26 18.60 2.82
C THR B 69 -9.54 20.09 2.77
N LEU B 70 -9.50 20.79 3.91
CA LEU B 70 -9.71 22.24 3.92
C LEU B 70 -8.69 22.97 3.03
N SER B 71 -7.43 22.59 3.12
CA SER B 71 -6.39 23.23 2.34
C SER B 71 -6.64 23.03 0.84
N LYS B 72 -6.97 21.80 0.43
CA LYS B 72 -7.25 21.54 -1.00
C LYS B 72 -8.47 22.29 -1.50
N ILE B 73 -9.51 22.38 -0.69
CA ILE B 73 -10.72 23.10 -1.08
C ILE B 73 -10.41 24.59 -1.20
N GLY B 74 -9.53 25.09 -0.35
CA GLY B 74 -9.09 26.48 -0.41
C GLY B 74 -9.55 27.35 0.73
N ILE B 75 -9.96 26.72 1.81
CA ILE B 75 -10.47 27.41 2.98
C ILE B 75 -9.30 27.87 3.84
N ASP B 76 -9.43 29.09 4.35
CA ASP B 76 -8.42 29.67 5.25
C ASP B 76 -8.73 29.16 6.67
N GLU B 77 -7.69 28.71 7.38
CA GLU B 77 -7.91 28.08 8.70
C GLU B 77 -8.52 29.06 9.71
N ASN B 78 -8.11 30.32 9.66
CA ASN B 78 -8.73 31.33 10.52
C ASN B 78 -10.24 31.47 10.20
N ASP B 79 -10.60 31.59 8.93
CA ASP B 79 -12.02 31.64 8.57
C ASP B 79 -12.78 30.42 9.08
N PHE B 80 -12.22 29.24 8.87
CA PHE B 80 -12.84 28.01 9.34
C PHE B 80 -13.09 28.00 10.84
N ILE B 81 -12.06 28.27 11.62
CA ILE B 81 -12.19 28.23 13.07
C ILE B 81 -13.19 29.28 13.56
N ARG B 82 -13.09 30.48 13.00
CA ARG B 82 -13.96 31.58 13.40
C ARG B 82 -15.41 31.36 13.03
N GLN B 83 -15.65 30.70 11.91
CA GLN B 83 -17.00 30.60 11.37
C GLN B 83 -17.75 29.29 11.68
N CYS B 84 -17.01 28.25 12.08
CA CYS B 84 -17.61 26.92 12.26
C CYS B 84 -17.61 26.47 13.73
N ASP B 85 -17.41 27.41 14.68
CA ASP B 85 -17.37 27.12 16.09
CA ASP B 85 -17.41 27.08 16.11
C ASP B 85 -16.44 25.95 16.37
N ALA B 86 -15.27 26.01 15.74
CA ALA B 86 -14.32 24.90 15.78
C ALA B 86 -13.29 25.02 16.86
N SER B 87 -12.85 23.85 17.31
CA SER B 87 -11.71 23.75 18.22
CA SER B 87 -11.72 23.74 18.23
C SER B 87 -10.80 22.61 17.74
N PHE B 88 -9.62 22.48 18.37
CA PHE B 88 -8.59 21.54 17.94
C PHE B 88 -8.81 20.22 18.64
N LYS B 89 -8.71 19.12 17.89
CA LYS B 89 -8.87 17.76 18.41
C LYS B 89 -7.58 17.01 18.19
N GLN B 90 -7.01 16.47 19.27
CA GLN B 90 -5.74 15.77 19.23
C GLN B 90 -5.87 14.25 19.39
N GLY B 91 -7.10 13.74 19.39
CA GLY B 91 -7.37 12.32 19.51
C GLY B 91 -8.63 12.05 20.30
N SER B 92 -8.75 10.85 20.83
CA SER B 92 -9.87 10.44 21.66
C SER B 92 -9.32 9.90 22.98
N ARG B 93 -9.89 10.36 24.09
CA ARG B 93 -9.56 9.89 25.40
C ARG B 93 -10.70 9.00 25.88
N PHE B 94 -10.36 7.79 26.26
CA PHE B 94 -11.31 6.72 26.61
C PHE B 94 -11.24 6.53 28.10
N ILE B 95 -12.40 6.77 28.75
CA ILE B 95 -12.53 6.81 30.20
C ILE B 95 -13.47 5.66 30.62
N ASN B 96 -13.05 4.86 31.59
CA ASN B 96 -13.85 3.80 32.16
C ASN B 96 -14.22 2.67 31.19
N TRP B 97 -13.38 2.47 30.16
CA TRP B 97 -13.59 1.40 29.19
C TRP B 97 -13.05 0.05 29.65
N CYS B 98 -12.04 0.09 30.53
CA CYS B 98 -11.30 -1.13 30.84
C CYS B 98 -11.87 -2.00 31.91
N LYS B 99 -12.46 -1.34 32.92
CA LYS B 99 -12.94 -2.04 34.12
C LYS B 99 -14.23 -1.45 34.58
N ASP B 100 -14.95 -2.24 35.38
CA ASP B 100 -16.15 -1.74 36.04
C ASP B 100 -15.74 -0.51 36.84
N PRO B 101 -16.47 0.60 36.68
CA PRO B 101 -15.98 1.87 37.23
C PRO B 101 -15.86 1.89 38.75
N GLN B 102 -14.83 2.60 39.21
CA GLN B 102 -14.72 2.88 40.63
CA GLN B 102 -14.54 2.83 40.62
C GLN B 102 -14.26 4.31 40.78
N SER B 103 -14.90 4.99 41.72
CA SER B 103 -14.66 6.40 41.95
C SER B 103 -13.25 6.68 42.40
N ASN B 104 -12.62 5.67 42.99
CA ASN B 104 -11.29 5.78 43.59
C ASN B 104 -10.13 5.34 42.72
N VAL B 105 -10.37 4.85 41.50
CA VAL B 105 -9.25 4.54 40.61
CA VAL B 105 -9.28 4.46 40.60
C VAL B 105 -9.54 5.09 39.24
N ALA B 106 -8.51 5.74 38.71
CA ALA B 106 -8.58 6.33 37.39
C ALA B 106 -8.46 5.22 36.33
N ASP B 107 -9.36 5.25 35.34
CA ASP B 107 -9.34 4.35 34.19
C ASP B 107 -9.47 5.22 32.96
N SER B 108 -8.32 5.56 32.36
CA SER B 108 -8.30 6.48 31.24
C SER B 108 -7.08 6.21 30.40
N TYR B 109 -7.25 6.23 29.08
CA TYR B 109 -6.09 6.14 28.19
C TYR B 109 -6.37 7.04 27.00
N LEU B 110 -5.30 7.39 26.29
CA LEU B 110 -5.41 8.24 25.11
C LEU B 110 -5.11 7.46 23.85
N HIS B 111 -5.89 7.73 22.81
CA HIS B 111 -5.58 7.34 21.44
C HIS B 111 -5.26 8.65 20.72
N PRO B 112 -3.95 8.98 20.64
CA PRO B 112 -3.54 10.25 20.06
C PRO B 112 -3.50 10.20 18.55
N PHE B 113 -3.58 11.38 17.93
CA PHE B 113 -3.38 11.47 16.47
C PHE B 113 -1.90 11.44 16.07
N SER B 114 -1.03 11.88 16.97
CA SER B 114 0.42 11.82 16.68
C SER B 114 0.86 10.40 16.58
N LEU B 115 1.70 10.09 15.59
CA LEU B 115 2.29 8.76 15.48
C LEU B 115 3.39 8.62 16.53
N PRO B 116 3.66 7.38 16.96
CA PRO B 116 4.77 7.16 17.91
C PRO B 116 6.07 7.81 17.46
N HIS B 117 6.77 8.37 18.44
CA HIS B 117 7.99 9.13 18.20
C HIS B 117 9.01 8.25 17.49
N GLY B 118 9.69 8.82 16.50
CA GLY B 118 10.70 8.07 15.76
C GLY B 118 10.22 6.97 14.85
N HIS B 119 8.94 7.03 14.48
CA HIS B 119 8.36 5.98 13.68
C HIS B 119 9.02 5.73 12.34
N GLN B 120 9.69 6.76 11.80
CA GLN B 120 10.46 6.59 10.57
C GLN B 120 11.77 5.81 10.80
N GLU B 121 12.24 5.78 12.04
CA GLU B 121 13.50 5.11 12.42
C GLU B 121 13.29 3.71 13.02
N LEU B 122 12.22 3.53 13.80
CA LEU B 122 12.04 2.32 14.60
C LEU B 122 10.61 2.33 15.15
N ASP B 123 9.96 1.18 15.10
CA ASP B 123 8.66 0.98 15.75
C ASP B 123 8.91 0.73 17.24
N LEU B 124 8.60 1.71 18.07
CA LEU B 124 8.93 1.65 19.50
C LEU B 124 8.08 0.66 20.27
N CYS B 125 6.91 0.30 19.72
CA CYS B 125 5.95 -0.49 20.51
C CYS B 125 6.55 -1.74 21.17
N PRO B 126 7.17 -2.65 20.39
CA PRO B 126 7.73 -3.84 21.06
C PRO B 126 8.82 -3.54 22.10
N TYR B 127 9.52 -2.43 21.94
CA TYR B 127 10.55 -1.98 22.93
C TYR B 127 9.94 -1.36 24.18
N TRP B 128 8.73 -0.85 24.09
CA TRP B 128 7.98 -0.39 25.25
C TRP B 128 7.39 -1.56 26.06
N LEU B 129 7.00 -2.63 25.39
CA LEU B 129 6.25 -3.72 26.02
CA LEU B 129 6.26 -3.75 26.04
C LEU B 129 6.79 -4.21 27.38
N PRO B 130 8.12 -4.39 27.50
CA PRO B 130 8.63 -4.87 28.79
C PRO B 130 8.41 -3.92 29.95
N HIS B 131 8.04 -2.66 29.66
CA HIS B 131 7.90 -1.60 30.64
C HIS B 131 6.45 -1.15 30.87
N ALA B 132 5.53 -1.95 30.39
CA ALA B 132 4.11 -1.64 30.48
C ALA B 132 3.61 -1.36 31.88
N GLU B 133 4.19 -2.03 32.89
CA GLU B 133 3.76 -1.81 34.26
C GLU B 133 4.30 -0.51 34.86
N GLN B 134 5.26 0.11 34.19
CA GLN B 134 5.97 1.28 34.69
C GLN B 134 5.51 2.56 34.01
N VAL B 135 5.07 2.46 32.76
CA VAL B 135 4.70 3.65 32.00
C VAL B 135 3.71 3.23 30.91
N SER B 136 2.74 4.09 30.66
CA SER B 136 1.78 3.82 29.58
C SER B 136 2.48 3.86 28.23
N PHE B 137 1.93 3.13 27.27
CA PHE B 137 2.45 3.16 25.91
C PHE B 137 2.40 4.57 25.34
N ALA B 138 1.29 5.29 25.49
CA ALA B 138 1.19 6.64 24.95
C ALA B 138 2.21 7.59 25.62
N GLU B 139 2.36 7.52 26.94
CA GLU B 139 3.28 8.46 27.59
C GLU B 139 4.72 8.14 27.13
N ALA B 140 5.02 6.87 26.95
CA ALA B 140 6.35 6.43 26.46
C ALA B 140 6.68 6.90 25.04
N VAL B 141 5.69 6.93 24.14
CA VAL B 141 5.98 7.15 22.71
C VAL B 141 5.39 8.44 22.10
N CYS B 142 4.67 9.24 22.87
CA CYS B 142 4.24 10.50 22.29
CA CYS B 142 3.98 10.41 22.37
C CYS B 142 4.19 11.56 23.35
N SER B 143 4.14 12.81 22.89
CA SER B 143 4.04 13.94 23.81
C SER B 143 2.58 14.31 24.10
N GLN B 144 1.66 13.89 23.21
CA GLN B 144 0.27 14.26 23.40
C GLN B 144 -0.39 13.71 24.66
N GLN B 145 0.05 12.57 25.18
CA GLN B 145 -0.55 12.09 26.42
C GLN B 145 -0.42 13.17 27.51
N VAL B 146 0.80 13.62 27.72
CA VAL B 146 1.05 14.63 28.76
C VAL B 146 0.44 15.99 28.40
N LEU B 147 0.58 16.40 27.15
CA LEU B 147 0.20 17.76 26.77
C LEU B 147 -1.33 17.91 26.76
N THR B 148 -2.05 16.88 26.31
CA THR B 148 -3.51 16.96 26.32
C THR B 148 -4.06 16.86 27.74
N GLN B 149 -3.34 16.16 28.62
CA GLN B 149 -3.73 16.14 30.03
C GLN B 149 -3.63 17.55 30.65
N LEU B 150 -2.68 18.35 30.18
CA LEU B 150 -2.54 19.76 30.60
C LEU B 150 -3.46 20.72 29.84
N GLY B 151 -4.32 20.19 28.94
CA GLY B 151 -5.23 20.98 28.17
C GLY B 151 -4.59 21.87 27.11
N LEU B 152 -3.44 21.44 26.61
CA LEU B 152 -2.71 22.20 25.63
C LEU B 152 -3.11 21.92 24.17
N ALA B 153 -2.94 22.96 23.34
CA ALA B 153 -3.26 22.94 21.94
C ALA B 153 -2.16 22.23 21.11
N PRO B 154 -2.44 21.95 19.83
CA PRO B 154 -1.43 21.27 19.00
C PRO B 154 -0.44 22.17 18.28
N LYS B 155 -0.60 23.47 18.47
CA LYS B 155 0.19 24.47 17.75
C LYS B 155 0.09 25.78 18.52
N SER B 156 0.85 26.78 18.03
CA SER B 156 0.79 28.12 18.62
CA SER B 156 0.85 28.12 18.60
C SER B 156 0.30 29.09 17.56
N ILE B 157 0.01 30.32 17.99
CA ILE B 157 -0.52 31.31 17.06
C ILE B 157 0.48 31.70 15.97
N VAL B 158 1.77 31.44 16.20
CA VAL B 158 2.80 31.73 15.20
C VAL B 158 2.94 30.61 14.17
N THR B 159 2.34 29.46 14.45
CA THR B 159 2.41 28.32 13.56
C THR B 159 1.54 28.58 12.32
N ALA B 160 2.06 28.22 11.14
CA ALA B 160 1.35 28.42 9.88
C ALA B 160 0.02 27.66 9.83
N GLN B 161 -0.91 28.17 9.05
CA GLN B 161 -2.21 27.51 8.87
C GLN B 161 -2.02 26.06 8.46
N TYR B 162 -2.73 25.18 9.15
CA TYR B 162 -2.74 23.73 8.90
C TYR B 162 -1.44 22.99 9.27
N HIS B 163 -0.42 23.70 9.73
CA HIS B 163 0.78 23.08 10.24
C HIS B 163 0.63 22.89 11.72
N PHE B 164 1.58 22.17 12.32
CA PHE B 164 1.43 21.78 13.71
C PHE B 164 2.71 21.42 14.41
N GLN B 165 2.65 21.48 15.73
CA GLN B 165 3.67 20.87 16.59
CA GLN B 165 3.66 20.89 16.60
C GLN B 165 3.30 19.43 16.86
N ASN B 166 2.01 19.16 17.06
CA ASN B 166 1.52 17.77 17.15
C ASN B 166 0.28 17.66 16.26
N ASN B 167 0.11 16.50 15.61
CA ASN B 167 -0.95 16.36 14.60
C ASN B 167 -2.32 16.54 15.21
N TYR B 168 -3.23 17.13 14.45
CA TYR B 168 -4.54 17.42 14.95
C TYR B 168 -5.57 17.36 13.84
N GLY B 169 -6.82 17.17 14.27
CA GLY B 169 -8.01 17.47 13.50
C GLY B 169 -8.86 18.45 14.29
N TYR B 170 -10.18 18.38 14.11
CA TYR B 170 -11.04 19.37 14.70
C TYR B 170 -12.30 18.81 15.37
N HIS B 171 -12.81 19.62 16.28
CA HIS B 171 -14.20 19.56 16.68
C HIS B 171 -14.88 20.73 16.00
N LEU B 172 -16.09 20.50 15.49
CA LEU B 172 -16.77 21.54 14.72
C LEU B 172 -18.29 21.43 14.79
N ASN B 173 -18.95 22.50 14.42
CA ASN B 173 -20.40 22.53 14.23
C ASN B 173 -20.66 22.25 12.74
N ALA B 174 -21.22 21.09 12.44
CA ALA B 174 -21.33 20.64 11.07
C ALA B 174 -22.26 21.53 10.25
N ALA B 175 -23.32 22.07 10.86
CA ALA B 175 -24.21 22.95 10.11
C ALA B 175 -23.50 24.22 9.66
N LYS B 176 -22.73 24.82 10.56
CA LYS B 176 -21.94 26.01 10.20
C LYS B 176 -20.87 25.68 9.17
N PHE B 177 -20.27 24.49 9.27
CA PHE B 177 -19.30 24.06 8.28
C PHE B 177 -19.92 23.93 6.90
N SER B 178 -21.08 23.26 6.82
CA SER B 178 -21.84 23.16 5.56
C SER B 178 -22.17 24.53 4.95
N GLN B 179 -22.47 25.50 5.80
CA GLN B 179 -22.76 26.85 5.33
C GLN B 179 -21.52 27.52 4.76
N LEU B 180 -20.39 27.36 5.45
CA LEU B 180 -19.14 27.92 4.95
C LEU B 180 -18.78 27.29 3.60
N LEU B 181 -18.91 25.96 3.52
CA LEU B 181 -18.61 25.26 2.26
C LEU B 181 -19.55 25.69 1.16
N THR B 182 -20.83 25.87 1.47
CA THR B 182 -21.77 26.34 0.43
C THR B 182 -21.31 27.67 -0.15
N GLU B 183 -20.98 28.63 0.73
CA GLU B 183 -20.50 29.93 0.27
C GLU B 183 -19.24 29.84 -0.56
N HIS B 184 -18.25 29.09 -0.07
CA HIS B 184 -16.98 28.98 -0.75
C HIS B 184 -17.13 28.29 -2.11
N CYS B 185 -17.86 27.19 -2.12
CA CYS B 185 -17.98 26.39 -3.35
C CYS B 185 -18.71 27.13 -4.45
N THR B 186 -19.74 27.89 -4.07
CA THR B 186 -20.52 28.62 -5.05
C THR B 186 -19.86 29.94 -5.44
N GLN B 187 -19.25 30.63 -4.48
CA GLN B 187 -18.69 31.94 -4.81
C GLN B 187 -17.29 31.88 -5.38
N LYS B 188 -16.55 30.85 -5.00
CA LYS B 188 -15.17 30.73 -5.43
C LYS B 188 -14.89 29.56 -6.40
N LEU B 189 -15.66 28.47 -6.27
CA LEU B 189 -15.35 27.25 -7.03
C LEU B 189 -16.34 26.95 -8.14
N GLY B 190 -17.31 27.85 -8.37
CA GLY B 190 -18.22 27.70 -9.52
C GLY B 190 -19.26 26.61 -9.46
N VAL B 191 -19.46 26.01 -8.29
CA VAL B 191 -20.45 24.98 -8.15
C VAL B 191 -21.85 25.56 -8.25
N THR B 192 -22.70 24.89 -9.03
CA THR B 192 -24.08 25.30 -9.18
C THR B 192 -24.89 24.70 -8.03
N HIS B 193 -25.70 25.53 -7.39
CA HIS B 193 -26.46 25.15 -6.24
C HIS B 193 -27.95 25.36 -6.55
N ILE B 194 -28.75 24.31 -6.41
CA ILE B 194 -30.20 24.32 -6.58
C ILE B 194 -30.79 23.83 -5.27
N ARG B 195 -31.77 24.53 -4.69
CA ARG B 195 -32.53 23.98 -3.58
C ARG B 195 -33.92 23.66 -4.06
N ASP B 196 -34.22 22.39 -4.19
CA ASP B 196 -35.47 21.96 -4.83
C ASP B 196 -35.72 20.50 -4.53
N HIS B 197 -36.97 20.12 -4.71
CA HIS B 197 -37.41 18.74 -4.55
C HIS B 197 -37.20 18.00 -5.85
N VAL B 198 -36.83 16.74 -5.72
CA VAL B 198 -36.72 15.83 -6.86
C VAL B 198 -37.90 14.89 -6.81
N SER B 199 -38.73 14.89 -7.85
CA SER B 199 -39.94 14.06 -7.89
C SER B 199 -39.72 12.67 -8.52
N GLN B 200 -38.71 12.56 -9.37
CA GLN B 200 -38.49 11.32 -10.13
C GLN B 200 -37.04 11.19 -10.52
N ILE B 201 -36.52 9.97 -10.38
CA ILE B 201 -35.22 9.60 -10.91
C ILE B 201 -35.44 8.78 -12.19
N ILE B 202 -34.89 9.24 -13.31
CA ILE B 202 -35.06 8.63 -14.62
C ILE B 202 -33.76 7.94 -15.10
N ASN B 203 -33.91 6.67 -15.49
CA ASN B 203 -32.79 5.89 -16.03
C ASN B 203 -32.74 5.92 -17.55
N ASN B 204 -31.55 5.63 -18.08
CA ASN B 204 -31.40 5.32 -19.50
C ASN B 204 -31.70 3.86 -19.77
N GLN B 205 -31.60 3.47 -21.05
CA GLN B 205 -31.94 2.13 -21.46
C GLN B 205 -31.03 1.08 -20.84
N HIS B 206 -29.84 1.50 -20.38
CA HIS B 206 -28.86 0.56 -19.81
C HIS B 206 -28.89 0.47 -18.29
N GLY B 207 -29.84 1.14 -17.65
CA GLY B 207 -29.95 1.07 -16.20
C GLY B 207 -29.17 2.12 -15.42
N ASP B 208 -28.47 3.01 -16.10
CA ASP B 208 -27.79 4.08 -15.45
C ASP B 208 -28.80 5.18 -15.15
N ILE B 209 -28.50 5.99 -14.16
CA ILE B 209 -29.33 7.20 -13.93
C ILE B 209 -29.02 8.19 -15.05
N GLU B 210 -30.08 8.78 -15.63
CA GLU B 210 -29.93 9.75 -16.72
C GLU B 210 -30.21 11.19 -16.31
N LYS B 211 -31.29 11.34 -15.56
CA LYS B 211 -31.76 12.67 -15.20
C LYS B 211 -32.70 12.60 -14.04
N LEU B 212 -32.87 13.76 -13.42
CA LEU B 212 -33.78 13.97 -12.30
C LEU B 212 -34.85 14.99 -12.70
N ILE B 213 -36.10 14.69 -12.33
CA ILE B 213 -37.21 15.62 -12.56
C ILE B 213 -37.36 16.38 -11.26
N THR B 214 -37.21 17.70 -11.33
CA THR B 214 -37.33 18.56 -10.15
C THR B 214 -38.64 19.34 -10.21
N LYS B 215 -39.06 19.88 -9.06
CA LYS B 215 -40.33 20.65 -8.98
C LYS B 215 -40.28 22.01 -9.69
N GLN B 216 -39.17 22.73 -9.56
CA GLN B 216 -39.06 24.08 -10.11
C GLN B 216 -37.91 24.31 -11.07
N ASN B 217 -37.04 23.33 -11.29
CA ASN B 217 -35.84 23.52 -12.12
C ASN B 217 -35.76 22.60 -13.33
N GLY B 218 -36.91 22.08 -13.74
CA GLY B 218 -36.99 21.25 -14.91
C GLY B 218 -36.25 19.95 -14.70
N GLU B 219 -35.75 19.41 -15.81
CA GLU B 219 -34.99 18.16 -15.79
C GLU B 219 -33.50 18.48 -15.71
N ILE B 220 -32.84 17.86 -14.74
CA ILE B 220 -31.42 18.05 -14.52
C ILE B 220 -30.75 16.74 -14.95
N SER B 221 -29.98 16.85 -16.03
CA SER B 221 -29.32 15.68 -16.61
C SER B 221 -27.88 15.64 -16.14
N GLY B 222 -27.37 14.42 -16.02
CA GLY B 222 -25.95 14.24 -15.73
C GLY B 222 -25.44 12.86 -16.12
N GLN B 223 -24.12 12.70 -15.95
CA GLN B 223 -23.40 11.49 -16.31
C GLN B 223 -22.98 10.71 -15.07
N LEU B 224 -22.80 11.41 -13.97
CA LEU B 224 -22.42 10.76 -12.72
C LEU B 224 -23.22 11.41 -11.61
N PHE B 225 -23.79 10.58 -10.73
CA PHE B 225 -24.68 11.01 -9.68
C PHE B 225 -24.09 10.63 -8.34
N ILE B 226 -24.02 11.59 -7.42
CA ILE B 226 -23.48 11.33 -6.11
C ILE B 226 -24.63 11.31 -5.14
N ASP B 227 -24.82 10.20 -4.44
CA ASP B 227 -25.90 10.09 -3.49
C ASP B 227 -25.42 10.59 -2.14
N CYS B 228 -25.84 11.81 -1.80
CA CYS B 228 -25.63 12.41 -0.49
C CYS B 228 -26.95 12.67 0.27
N THR B 229 -27.92 11.75 0.07
CA THR B 229 -29.26 11.85 0.67
C THR B 229 -29.37 11.34 2.12
N GLY B 230 -28.27 10.94 2.73
CA GLY B 230 -28.30 10.44 4.07
C GLY B 230 -28.71 9.00 4.18
N ALA B 231 -29.10 8.59 5.39
CA ALA B 231 -29.36 7.20 5.65
C ALA B 231 -30.49 6.62 4.81
N LYS B 232 -31.40 7.47 4.34
CA LYS B 232 -32.45 7.01 3.39
C LYS B 232 -31.87 6.45 2.05
N SER B 233 -30.67 6.88 1.70
CA SER B 233 -29.94 6.30 0.56
C SER B 233 -30.85 6.20 -0.66
N LEU B 234 -31.42 7.32 -1.06
CA LEU B 234 -32.48 7.28 -2.04
C LEU B 234 -32.06 6.84 -3.44
N LEU B 235 -30.80 7.11 -3.81
CA LEU B 235 -30.29 6.74 -5.14
C LEU B 235 -29.64 5.37 -5.08
N LEU B 236 -28.67 5.19 -4.18
CA LEU B 236 -27.91 3.95 -4.18
C LEU B 236 -28.71 2.78 -3.58
N GLY B 237 -29.22 2.96 -2.37
CA GLY B 237 -29.93 1.89 -1.70
C GLY B 237 -31.29 1.64 -2.30
N GLU B 238 -32.05 2.69 -2.50
CA GLU B 238 -33.43 2.53 -2.99
C GLU B 238 -33.51 2.41 -4.51
N HIS B 239 -33.14 3.46 -5.21
CA HIS B 239 -33.31 3.41 -6.67
C HIS B 239 -32.53 2.25 -7.29
N LEU B 240 -31.29 2.06 -6.86
CA LEU B 240 -30.41 1.04 -7.44
C LEU B 240 -30.38 -0.25 -6.64
N GLN B 241 -31.05 -0.29 -5.49
CA GLN B 241 -31.28 -1.55 -4.78
C GLN B 241 -29.98 -2.22 -4.33
N VAL B 242 -28.98 -1.40 -3.97
CA VAL B 242 -27.76 -1.94 -3.42
C VAL B 242 -28.03 -2.42 -1.97
N PRO B 243 -27.74 -3.70 -1.67
CA PRO B 243 -28.06 -4.22 -0.33
C PRO B 243 -27.32 -3.56 0.84
N PHE B 244 -27.99 -3.57 1.99
CA PHE B 244 -27.42 -3.03 3.23
C PHE B 244 -26.95 -4.22 4.08
N LEU B 245 -25.74 -4.09 4.60
CA LEU B 245 -25.10 -5.10 5.43
C LEU B 245 -25.10 -4.64 6.89
N SER B 246 -26.13 -5.09 7.64
CA SER B 246 -26.24 -4.69 9.06
C SER B 246 -25.08 -5.26 9.85
N GLN B 247 -24.53 -4.41 10.71
CA GLN B 247 -23.43 -4.77 11.60
C GLN B 247 -23.87 -4.69 13.06
N LYS B 248 -25.19 -4.64 13.28
CA LYS B 248 -25.68 -4.55 14.66
C LYS B 248 -25.34 -5.76 15.52
N SER B 249 -25.20 -6.94 14.90
CA SER B 249 -24.82 -8.13 15.66
C SER B 249 -23.36 -8.15 16.13
N VAL B 250 -22.58 -7.18 15.63
CA VAL B 250 -21.22 -6.97 16.08
C VAL B 250 -21.15 -5.82 17.08
N LEU B 251 -21.73 -4.65 16.74
CA LEU B 251 -21.58 -3.47 17.59
C LEU B 251 -22.69 -3.18 18.63
N PHE B 252 -23.88 -3.69 18.38
CA PHE B 252 -25.06 -3.61 19.22
C PHE B 252 -25.71 -2.24 19.18
N ASN B 253 -24.92 -1.18 19.27
CA ASN B 253 -25.48 0.14 19.46
C ASN B 253 -26.31 0.59 18.30
N ASP B 254 -27.54 1.00 18.59
CA ASP B 254 -28.50 1.44 17.61
C ASP B 254 -29.29 2.67 18.04
N ARG B 255 -28.78 3.36 19.06
CA ARG B 255 -29.39 4.59 19.56
C ARG B 255 -28.31 5.60 19.94
N ALA B 256 -28.69 6.86 19.86
CA ALA B 256 -27.94 7.92 20.50
C ALA B 256 -28.94 8.93 21.08
N LEU B 257 -28.62 9.39 22.28
CA LEU B 257 -29.34 10.47 22.90
CA LEU B 257 -29.34 10.49 22.93
C LEU B 257 -28.37 11.65 23.09
N ALA B 258 -28.65 12.77 22.42
CA ALA B 258 -27.68 13.86 22.25
C ALA B 258 -28.19 15.20 22.75
N ILE B 259 -27.28 16.01 23.28
CA ILE B 259 -27.67 17.29 23.85
C ILE B 259 -26.47 18.23 23.85
N GLN B 260 -26.72 19.52 23.72
CA GLN B 260 -25.64 20.49 23.92
C GLN B 260 -25.69 21.02 25.34
N VAL B 261 -24.50 21.30 25.87
CA VAL B 261 -24.25 21.58 27.27
C VAL B 261 -23.40 22.87 27.32
N PRO B 262 -23.87 23.93 28.01
CA PRO B 262 -22.95 25.08 28.16
C PRO B 262 -21.77 24.84 29.10
N TYR B 263 -20.69 25.59 28.90
CA TYR B 263 -19.62 25.62 29.89
C TYR B 263 -20.13 26.35 31.14
N SER B 264 -19.61 25.93 32.29
CA SER B 264 -20.03 26.50 33.58
C SER B 264 -19.57 27.93 33.75
N ASP B 265 -18.55 28.35 33.00
CA ASP B 265 -18.24 29.78 32.86
C ASP B 265 -17.47 30.08 31.58
N ALA B 266 -17.37 31.38 31.28
CA ALA B 266 -16.84 31.85 29.99
C ALA B 266 -15.35 31.58 29.76
N ASN B 267 -14.61 31.29 30.83
CA ASN B 267 -13.19 30.94 30.73
C ASN B 267 -12.94 29.45 31.00
N SER B 268 -14.00 28.64 30.99
CA SER B 268 -13.87 27.21 31.29
C SER B 268 -12.88 26.52 30.33
N PRO B 269 -12.04 25.62 30.86
CA PRO B 269 -11.08 24.94 29.98
C PRO B 269 -11.82 24.14 28.88
N ILE B 270 -11.24 24.13 27.69
CA ILE B 270 -11.73 23.37 26.55
C ILE B 270 -10.81 22.18 26.42
N ALA B 271 -11.40 20.99 26.35
CA ALA B 271 -10.65 19.75 26.29
C ALA B 271 -9.91 19.63 24.95
N SER B 272 -8.73 19.04 24.95
CA SER B 272 -7.94 18.85 23.74
C SER B 272 -8.39 17.69 22.86
N CYS B 273 -9.16 16.76 23.43
CA CYS B 273 -9.53 15.51 22.74
C CYS B 273 -10.99 15.26 22.89
N THR B 274 -11.55 14.47 21.98
CA THR B 274 -12.89 13.97 22.22
C THR B 274 -12.82 13.04 23.42
N HIS B 275 -13.78 13.14 24.37
CA HIS B 275 -13.83 12.17 25.44
C HIS B 275 -14.90 11.13 25.15
N SER B 276 -14.60 9.89 25.45
CA SER B 276 -15.53 8.78 25.35
C SER B 276 -15.55 8.05 26.66
N THR B 277 -16.65 8.17 27.40
CA THR B 277 -16.75 7.56 28.72
C THR B 277 -17.73 6.40 28.68
N ALA B 278 -17.23 5.19 28.91
CA ALA B 278 -18.08 4.01 28.86
C ALA B 278 -19.11 4.01 30.00
N GLN B 279 -20.26 3.45 29.68
CA GLN B 279 -21.43 3.37 30.57
C GLN B 279 -21.91 1.91 30.58
N PRO B 280 -22.94 1.58 31.35
CA PRO B 280 -23.34 0.18 31.39
C PRO B 280 -23.77 -0.47 30.08
N ASN B 281 -24.31 0.35 29.18
CA ASN B 281 -24.90 -0.12 27.92
C ASN B 281 -24.46 0.66 26.69
N GLY B 282 -23.24 1.19 26.75
CA GLY B 282 -22.72 1.99 25.65
C GLY B 282 -21.66 2.93 26.16
N TRP B 283 -21.58 4.10 25.56
CA TRP B 283 -20.59 5.10 25.92
C TRP B 283 -21.10 6.48 25.60
N ILE B 284 -20.56 7.47 26.34
CA ILE B 284 -20.95 8.84 26.16
C ILE B 284 -19.82 9.66 25.54
N TRP B 285 -20.12 10.33 24.46
CA TRP B 285 -19.18 11.25 23.81
C TRP B 285 -19.30 12.65 24.42
N ASP B 286 -18.20 13.40 24.35
CA ASP B 286 -18.16 14.75 24.90
C ASP B 286 -17.15 15.49 24.06
N ILE B 287 -17.69 16.40 23.25
CA ILE B 287 -16.95 17.17 22.24
C ILE B 287 -16.96 18.64 22.67
N GLY B 288 -15.76 19.19 22.92
CA GLY B 288 -15.63 20.57 23.36
C GLY B 288 -15.51 21.53 22.21
N LEU B 289 -16.50 22.43 22.10
CA LEU B 289 -16.46 23.53 21.14
C LEU B 289 -16.08 24.80 21.94
N PRO B 290 -15.80 25.90 21.25
CA PRO B 290 -15.47 27.14 21.98
C PRO B 290 -16.54 27.61 22.96
N THR B 291 -17.79 27.48 22.53
CA THR B 291 -18.97 28.07 23.14
C THR B 291 -19.69 27.10 24.11
N ARG B 292 -19.53 25.80 23.87
CA ARG B 292 -20.32 24.80 24.56
C ARG B 292 -19.75 23.43 24.30
N LYS B 293 -20.31 22.41 24.93
CA LYS B 293 -19.96 21.03 24.64
C LYS B 293 -21.15 20.34 23.97
N GLY B 294 -20.86 19.35 23.14
CA GLY B 294 -21.87 18.44 22.63
C GLY B 294 -21.64 17.10 23.30
N VAL B 295 -22.70 16.51 23.82
CA VAL B 295 -22.61 15.28 24.59
C VAL B 295 -23.71 14.32 24.10
N GLY B 296 -23.39 13.04 24.00
CA GLY B 296 -24.37 12.05 23.56
C GLY B 296 -24.05 10.69 24.11
N TYR B 297 -25.09 9.95 24.50
CA TYR B 297 -24.99 8.57 24.91
C TYR B 297 -25.34 7.66 23.72
N VAL B 298 -24.35 6.86 23.27
CA VAL B 298 -24.49 5.84 22.23
C VAL B 298 -24.77 4.56 22.97
N TYR B 299 -25.87 3.90 22.66
CA TYR B 299 -26.30 2.74 23.43
C TYR B 299 -27.09 1.75 22.59
N SER B 300 -27.27 0.58 23.19
CA SER B 300 -28.01 -0.54 22.57
C SER B 300 -29.42 -0.62 23.11
N SER B 301 -30.42 -0.44 22.25
CA SER B 301 -31.84 -0.58 22.69
C SER B 301 -32.21 -2.00 23.11
N SER B 302 -31.45 -3.01 22.69
CA SER B 302 -31.72 -4.37 23.17
C SER B 302 -31.07 -4.66 24.51
N HIS B 303 -30.39 -3.67 25.10
CA HIS B 303 -29.82 -3.74 26.44
C HIS B 303 -30.45 -2.78 27.46
N THR B 304 -30.87 -1.62 26.98
CA THR B 304 -31.53 -0.62 27.81
C THR B 304 -32.67 0.07 27.11
N ASN B 305 -33.68 0.44 27.90
CA ASN B 305 -34.72 1.33 27.37
C ASN B 305 -34.24 2.78 27.38
N ASP B 306 -35.08 3.69 26.85
CA ASP B 306 -34.69 5.05 26.67
C ASP B 306 -34.86 5.85 27.94
N ILE B 307 -35.81 5.46 28.79
CA ILE B 307 -35.94 6.10 30.11
C ILE B 307 -34.64 5.96 30.87
N ASP B 308 -34.14 4.75 30.92
CA ASP B 308 -32.92 4.48 31.69
C ASP B 308 -31.68 5.10 31.03
N ALA B 309 -31.65 5.12 29.70
CA ALA B 309 -30.53 5.74 28.96
C ALA B 309 -30.48 7.22 29.24
N GLN B 310 -31.65 7.86 29.28
CA GLN B 310 -31.69 9.28 29.62
C GLN B 310 -31.20 9.52 31.05
N LYS B 311 -31.58 8.67 31.99
CA LYS B 311 -31.07 8.82 33.35
C LYS B 311 -29.54 8.75 33.38
N THR B 312 -28.99 7.79 32.65
CA THR B 312 -27.54 7.64 32.57
C THR B 312 -26.88 8.92 32.00
N LEU B 313 -27.45 9.47 30.95
CA LEU B 313 -26.94 10.69 30.35
C LEU B 313 -26.96 11.83 31.38
N PHE B 314 -28.13 12.03 32.02
CA PHE B 314 -28.24 13.11 33.02
C PHE B 314 -27.29 12.91 34.20
N ASN B 315 -27.05 11.68 34.61
CA ASN B 315 -26.05 11.39 35.64
C ASN B 315 -24.67 11.87 35.20
N TYR B 316 -24.31 11.58 33.95
CA TYR B 316 -23.03 12.04 33.41
C TYR B 316 -22.93 13.57 33.46
N LEU B 317 -24.03 14.23 33.11
CA LEU B 317 -24.08 15.69 33.11
C LEU B 317 -24.11 16.27 34.54
N GLY B 318 -24.45 15.45 35.52
CA GLY B 318 -24.50 15.88 36.92
C GLY B 318 -25.75 16.70 37.22
N VAL B 319 -26.83 16.43 36.49
CA VAL B 319 -28.09 17.17 36.64
C VAL B 319 -29.20 16.22 37.09
N ASP B 320 -30.03 16.72 38.00
CA ASP B 320 -31.25 16.01 38.37
C ASP B 320 -32.35 17.02 38.67
N GLY B 321 -33.51 16.51 39.09
CA GLY B 321 -34.61 17.37 39.52
C GLY B 321 -35.10 18.28 38.42
N ALA B 322 -35.43 19.52 38.79
CA ALA B 322 -36.06 20.47 37.87
C ALA B 322 -35.10 20.90 36.76
N ALA B 323 -33.81 20.93 37.08
CA ALA B 323 -32.79 21.27 36.09
C ALA B 323 -32.83 20.23 34.97
N ALA B 324 -32.88 18.95 35.35
CA ALA B 324 -32.98 17.86 34.37
C ALA B 324 -34.29 17.91 33.57
N ASP B 325 -35.37 18.31 34.23
CA ASP B 325 -36.66 18.43 33.56
C ASP B 325 -36.63 19.46 32.44
N LYS B 326 -35.76 20.46 32.55
CA LYS B 326 -35.65 21.51 31.52
C LYS B 326 -34.86 21.09 30.29
N LEU B 327 -34.04 20.04 30.43
CA LEU B 327 -33.22 19.56 29.31
C LEU B 327 -34.04 18.87 28.22
N GLU B 328 -33.64 19.04 26.95
CA GLU B 328 -34.34 18.46 25.83
C GLU B 328 -33.37 17.63 24.98
N PRO B 329 -32.92 16.48 25.48
CA PRO B 329 -32.06 15.65 24.63
C PRO B 329 -32.85 15.13 23.46
N ARG B 330 -32.16 14.89 22.35
CA ARG B 330 -32.72 14.39 21.10
C ARG B 330 -32.31 12.92 20.84
N GLN B 331 -33.29 12.09 20.51
CA GLN B 331 -33.05 10.65 20.30
CA GLN B 331 -33.17 10.64 20.31
C GLN B 331 -33.01 10.28 18.84
N LEU B 332 -31.96 9.53 18.50
CA LEU B 332 -31.70 9.05 17.15
CA LEU B 332 -31.76 9.03 17.14
C LEU B 332 -31.69 7.52 17.19
N ALA B 333 -32.28 6.87 16.21
CA ALA B 333 -32.23 5.40 16.06
C ALA B 333 -31.58 5.09 14.72
N ILE B 334 -30.82 4.02 14.67
CA ILE B 334 -30.22 3.57 13.41
C ILE B 334 -30.15 2.06 13.31
N ASN B 335 -29.86 1.56 12.10
CA ASN B 335 -29.41 0.19 11.89
C ASN B 335 -27.96 0.41 11.43
N PRO B 336 -26.96 0.20 12.33
CA PRO B 336 -25.57 0.39 12.00
C PRO B 336 -25.18 -0.59 10.91
N GLY B 337 -24.47 -0.12 9.91
CA GLY B 337 -23.98 -0.98 8.83
C GLY B 337 -23.62 -0.17 7.63
N TYR B 338 -23.37 -0.89 6.53
CA TYR B 338 -22.94 -0.24 5.29
C TYR B 338 -23.49 -0.98 4.10
N ARG B 339 -23.63 -0.25 3.01
CA ARG B 339 -24.10 -0.81 1.74
C ARG B 339 -23.01 -1.71 1.19
N ALA B 340 -23.41 -2.74 0.46
CA ALA B 340 -22.43 -3.73 0.02
C ALA B 340 -21.36 -3.12 -0.90
N LYS B 341 -21.75 -2.10 -1.65
CA LYS B 341 -20.86 -1.33 -2.53
C LYS B 341 -21.17 0.13 -2.30
N CYS B 342 -20.20 1.03 -2.58
CA CYS B 342 -20.56 2.47 -2.60
C CYS B 342 -20.86 2.99 -3.99
N TRP B 343 -20.50 2.23 -5.02
CA TRP B 343 -20.55 2.70 -6.40
C TRP B 343 -21.24 1.62 -7.25
N GLN B 344 -22.40 1.98 -7.81
CA GLN B 344 -23.20 1.06 -8.63
C GLN B 344 -23.62 1.82 -9.86
N ASN B 345 -23.39 1.22 -11.02
CA ASN B 345 -23.59 1.93 -12.27
C ASN B 345 -22.85 3.28 -12.21
N ASN B 346 -23.59 4.38 -12.45
CA ASN B 346 -23.01 5.72 -12.46
C ASN B 346 -23.42 6.52 -11.23
N CYS B 347 -23.58 5.82 -10.10
CA CYS B 347 -23.95 6.43 -8.83
C CYS B 347 -22.98 6.03 -7.75
N ILE B 348 -22.45 7.01 -7.03
CA ILE B 348 -21.61 6.74 -5.88
CA ILE B 348 -21.56 6.82 -5.88
C ILE B 348 -22.21 7.43 -4.66
N ALA B 349 -22.31 6.68 -3.56
CA ALA B 349 -22.87 7.18 -2.29
C ALA B 349 -21.76 7.69 -1.40
N ILE B 350 -21.98 8.87 -0.84
CA ILE B 350 -21.02 9.52 0.02
C ILE B 350 -21.73 10.03 1.23
N GLY B 351 -21.18 9.73 2.40
CA GLY B 351 -21.84 10.02 3.68
C GLY B 351 -22.69 8.87 4.15
N ALA B 353 -25.51 7.87 3.22
CA ALA B 353 -26.13 7.10 2.14
C ALA B 353 -25.34 5.83 1.82
N ALA B 354 -24.04 5.83 2.08
CA ALA B 354 -23.21 4.62 1.92
C ALA B 354 -23.21 3.72 3.17
N GLY B 355 -23.10 4.31 4.34
CA GLY B 355 -23.13 3.54 5.57
C GLY B 355 -22.97 4.44 6.75
N PHE B 356 -23.22 3.87 7.92
CA PHE B 356 -23.08 4.61 9.15
C PHE B 356 -23.12 3.68 10.31
N ILE B 357 -22.24 3.94 11.28
CA ILE B 357 -22.26 3.30 12.59
C ILE B 357 -22.08 4.39 13.64
N GLU B 358 -22.11 3.96 14.90
CA GLU B 358 -21.81 4.88 15.99
C GLU B 358 -20.54 5.63 15.74
N PRO B 359 -20.45 6.88 16.23
CA PRO B 359 -19.28 7.73 15.98
C PRO B 359 -18.03 7.43 16.81
N LEU B 360 -17.89 6.17 17.24
CA LEU B 360 -16.70 5.72 17.92
C LEU B 360 -15.57 5.83 16.91
N GLU B 361 -14.52 6.56 17.26
CA GLU B 361 -13.40 6.83 16.41
C GLU B 361 -13.71 7.74 15.21
N ALA B 362 -14.87 8.38 15.22
CA ALA B 362 -15.18 9.46 14.27
C ALA B 362 -14.91 9.03 12.81
N SER B 363 -15.56 7.96 12.34
CA SER B 363 -15.33 7.54 10.95
C SER B 363 -16.13 8.33 9.93
N ALA B 364 -17.15 9.07 10.33
CA ALA B 364 -18.12 9.63 9.38
C ALA B 364 -17.52 10.64 8.44
N LEU B 365 -16.89 11.71 8.94
CA LEU B 365 -16.29 12.68 8.03
C LEU B 365 -15.10 12.07 7.30
N ALA B 366 -14.34 11.21 7.97
CA ALA B 366 -13.19 10.54 7.34
C ALA B 366 -13.57 9.75 6.07
N LEU B 367 -14.71 9.06 6.13
CA LEU B 367 -15.24 8.32 5.00
C LEU B 367 -15.66 9.25 3.88
N ILE B 368 -16.35 10.34 4.23
CA ILE B 368 -16.69 11.37 3.23
C ILE B 368 -15.44 11.89 2.52
N GLU B 369 -14.45 12.29 3.30
CA GLU B 369 -13.18 12.77 2.71
C GLU B 369 -12.57 11.71 1.80
N TRP B 370 -12.53 10.47 2.28
CA TRP B 370 -11.90 9.39 1.49
C TRP B 370 -12.64 9.22 0.18
N THR B 371 -13.96 9.12 0.26
CA THR B 371 -14.72 8.80 -0.97
C THR B 371 -14.65 9.95 -1.95
N ALA B 372 -14.80 11.16 -1.44
CA ALA B 372 -14.77 12.33 -2.34
C ALA B 372 -13.38 12.52 -2.92
N SER B 373 -12.34 12.36 -2.11
CA SER B 373 -11.00 12.58 -2.64
CA SER B 373 -10.96 12.56 -2.60
CA SER B 373 -10.97 12.55 -2.61
C SER B 373 -10.62 11.47 -3.63
N THR B 374 -11.04 10.24 -3.38
CA THR B 374 -10.70 9.18 -4.31
CA THR B 374 -10.72 9.16 -4.31
C THR B 374 -11.44 9.35 -5.63
N LEU B 375 -12.70 9.77 -5.58
CA LEU B 375 -13.44 10.06 -6.80
C LEU B 375 -12.73 11.17 -7.56
N ALA B 376 -12.29 12.23 -6.87
CA ALA B 376 -11.64 13.33 -7.56
C ALA B 376 -10.34 12.89 -8.19
N GLN B 377 -9.59 12.00 -7.51
CA GLN B 377 -8.29 11.52 -8.01
C GLN B 377 -8.46 10.47 -9.12
N GLN B 378 -9.62 9.86 -9.19
CA GLN B 378 -9.92 8.78 -10.15
C GLN B 378 -11.16 9.06 -11.00
N LEU B 379 -11.38 10.33 -11.35
CA LEU B 379 -12.51 10.70 -12.19
C LEU B 379 -12.48 9.81 -13.44
N PRO B 380 -13.54 9.01 -13.66
CA PRO B 380 -13.50 8.14 -14.86
C PRO B 380 -13.42 8.96 -16.14
N PRO B 381 -12.51 8.59 -17.06
CA PRO B 381 -12.49 9.28 -18.36
C PRO B 381 -13.82 9.26 -19.12
N ASN B 382 -14.56 8.17 -19.01
CA ASN B 382 -15.78 7.93 -19.79
C ASN B 382 -16.54 6.76 -19.18
N ARG B 383 -17.73 6.49 -19.68
CA ARG B 383 -18.55 5.43 -19.13
C ARG B 383 -18.02 4.02 -19.48
N VAL B 385 -15.07 2.87 -19.43
CA VAL B 385 -14.04 2.40 -18.49
C VAL B 385 -14.43 2.60 -17.03
N ASP B 387 -16.48 1.13 -14.97
CA ASP B 387 -16.63 -0.05 -14.09
C ASP B 387 -15.28 -0.56 -13.57
N THR B 388 -14.21 -0.32 -14.32
CA THR B 388 -12.88 -0.67 -13.84
C THR B 388 -12.53 0.15 -12.61
N ILE B 389 -12.84 1.44 -12.67
CA ILE B 389 -12.58 2.35 -11.55
C ILE B 389 -13.55 2.05 -10.41
N SER B 390 -14.84 1.88 -10.70
CA SER B 390 -15.75 1.59 -9.60
C SER B 390 -15.40 0.28 -8.90
N ALA B 391 -14.95 -0.72 -9.64
CA ALA B 391 -14.60 -2.00 -9.01
C ALA B 391 -13.48 -1.80 -8.01
N ARG B 392 -12.45 -1.05 -8.35
CA ARG B 392 -11.36 -0.90 -7.43
C ARG B 392 -11.74 0.01 -6.25
N VAL B 393 -12.57 1.03 -6.51
CA VAL B 393 -13.05 1.89 -5.41
C VAL B 393 -13.91 1.07 -4.46
N ASN B 394 -14.81 0.25 -4.98
CA ASN B 394 -15.61 -0.65 -4.13
C ASN B 394 -14.76 -1.59 -3.29
N GLU B 395 -13.69 -2.16 -3.87
CA GLU B 395 -12.84 -3.06 -3.11
CA GLU B 395 -12.83 -3.06 -3.12
C GLU B 395 -12.19 -2.32 -1.94
N ARG B 396 -11.71 -1.10 -2.19
CA ARG B 396 -11.06 -0.30 -1.14
C ARG B 396 -12.11 0.10 -0.06
N TYR B 397 -13.28 0.54 -0.52
CA TYR B 397 -14.43 0.83 0.35
C TYR B 397 -14.73 -0.37 1.27
N GLN B 398 -14.77 -1.57 0.72
CA GLN B 398 -15.01 -2.80 1.50
C GLN B 398 -13.89 -3.02 2.51
N GLN B 399 -12.64 -2.81 2.12
CA GLN B 399 -11.51 -2.88 3.06
CA GLN B 399 -11.54 -2.90 3.07
C GLN B 399 -11.69 -1.87 4.21
N HIS B 400 -12.07 -0.64 3.88
CA HIS B 400 -12.22 0.37 4.88
C HIS B 400 -13.31 -0.03 5.88
N TRP B 401 -14.44 -0.50 5.38
CA TRP B 401 -15.54 -0.88 6.28
C TRP B 401 -15.18 -2.07 7.15
N GLN B 402 -14.41 -3.02 6.62
CA GLN B 402 -13.95 -4.13 7.46
C GLN B 402 -13.07 -3.58 8.55
N GLN B 403 -12.18 -2.67 8.20
CA GLN B 403 -11.30 -2.09 9.18
C GLN B 403 -12.05 -1.31 10.24
N ILE B 404 -13.06 -0.56 9.83
CA ILE B 404 -13.83 0.23 10.74
C ILE B 404 -14.53 -0.70 11.76
N ILE B 405 -15.25 -1.70 11.25
CA ILE B 405 -15.99 -2.57 12.14
C ILE B 405 -15.03 -3.27 13.11
N ASP B 406 -13.92 -3.82 12.61
CA ASP B 406 -12.97 -4.51 13.48
C ASP B 406 -12.27 -3.57 14.46
N PHE B 407 -11.92 -2.35 14.05
CA PHE B 407 -11.21 -1.44 14.97
C PHE B 407 -12.18 -0.97 16.04
N LEU B 408 -13.42 -0.63 15.67
CA LEU B 408 -14.38 -0.24 16.68
C LEU B 408 -14.65 -1.38 17.66
N LYS B 409 -14.92 -2.56 17.12
CA LYS B 409 -15.21 -3.71 17.96
C LYS B 409 -14.05 -4.04 18.91
N LEU B 410 -12.81 -3.84 18.46
CA LEU B 410 -11.66 -4.05 19.33
C LEU B 410 -11.78 -3.29 20.64
N HIS B 411 -12.30 -2.07 20.62
CA HIS B 411 -12.41 -1.26 21.83
C HIS B 411 -13.25 -1.99 22.90
N TYR B 412 -14.28 -2.72 22.49
CA TYR B 412 -15.15 -3.43 23.41
C TYR B 412 -14.57 -4.80 23.82
N VAL B 413 -13.98 -5.53 22.88
CA VAL B 413 -13.61 -6.93 23.14
CA VAL B 413 -13.64 -6.93 23.16
C VAL B 413 -12.57 -7.08 24.24
N ILE B 414 -11.66 -6.11 24.34
CA ILE B 414 -10.53 -6.24 25.25
C ILE B 414 -10.77 -5.54 26.58
N SER B 415 -12.00 -5.12 26.81
CA SER B 415 -12.39 -4.67 28.16
C SER B 415 -12.41 -5.83 29.12
N GLN B 416 -12.26 -5.49 30.42
CA GLN B 416 -12.38 -6.43 31.53
C GLN B 416 -13.67 -6.18 32.30
N ARG B 417 -14.53 -5.28 31.82
CA ARG B 417 -15.83 -5.04 32.46
C ARG B 417 -16.65 -6.31 32.64
N GLN B 418 -17.19 -6.48 33.84
CA GLN B 418 -17.86 -7.72 34.20
C GLN B 418 -19.29 -7.52 34.70
N GLU B 419 -19.64 -6.36 35.25
CA GLU B 419 -20.94 -6.28 35.94
C GLU B 419 -22.15 -6.19 35.02
N ASP B 420 -21.94 -5.73 33.77
CA ASP B 420 -23.04 -5.51 32.85
C ASP B 420 -23.04 -6.53 31.70
N ARG B 421 -24.22 -7.09 31.45
CA ARG B 421 -24.44 -8.02 30.36
C ARG B 421 -23.90 -7.47 29.03
N TYR B 422 -24.16 -6.20 28.77
CA TYR B 422 -23.65 -5.58 27.53
C TYR B 422 -22.18 -5.85 27.26
N TRP B 423 -21.36 -5.62 28.27
CA TRP B 423 -19.93 -5.76 28.09
C TRP B 423 -19.54 -7.23 27.98
N ARG B 424 -20.18 -8.12 28.77
CA ARG B 424 -19.91 -9.52 28.63
C ARG B 424 -20.31 -10.01 27.22
N ASP B 425 -21.46 -9.55 26.71
CA ASP B 425 -21.94 -9.95 25.39
C ASP B 425 -20.93 -9.57 24.30
N HIS B 426 -20.30 -8.41 24.45
CA HIS B 426 -19.34 -7.92 23.49
C HIS B 426 -18.14 -8.83 23.31
N ARG B 427 -17.83 -9.63 24.32
CA ARG B 427 -16.68 -10.54 24.24
C ARG B 427 -17.02 -11.93 23.76
N GLU B 428 -18.29 -12.17 23.47
CA GLU B 428 -18.68 -13.46 22.96
C GLU B 428 -18.38 -13.61 21.47
N SER B 429 -17.87 -14.79 21.11
CA SER B 429 -17.30 -15.01 19.78
C SER B 429 -18.32 -14.80 18.64
N ASN B 430 -19.60 -15.06 18.91
CA ASN B 430 -20.66 -14.85 17.93
C ASN B 430 -20.89 -13.37 17.54
N SER B 431 -20.24 -12.45 18.23
CA SER B 431 -20.31 -11.03 17.93
C SER B 431 -19.00 -10.43 17.40
N ILE B 432 -17.97 -11.27 17.30
CA ILE B 432 -16.60 -10.83 16.94
C ILE B 432 -16.31 -11.33 15.52
N PRO B 433 -16.07 -10.40 14.60
CA PRO B 433 -15.75 -10.86 13.24
C PRO B 433 -14.56 -11.80 13.19
N ASP B 434 -14.60 -12.79 12.29
CA ASP B 434 -13.50 -13.72 12.15
C ASP B 434 -12.17 -13.01 11.91
N SER B 435 -12.18 -11.97 11.10
CA SER B 435 -10.96 -11.21 10.83
C SER B 435 -10.34 -10.66 12.12
N LEU B 436 -11.18 -10.14 13.02
CA LEU B 436 -10.70 -9.58 14.27
C LEU B 436 -10.22 -10.68 15.19
N GLN B 437 -10.96 -11.79 15.24
CA GLN B 437 -10.56 -12.94 16.05
C GLN B 437 -9.13 -13.36 15.71
N ALA B 438 -8.82 -13.41 14.42
CA ALA B 438 -7.47 -13.81 13.98
C ALA B 438 -6.42 -12.84 14.48
N LEU B 440 -6.72 -10.79 17.13
CA LEU B 440 -6.59 -10.87 18.59
C LEU B 440 -5.72 -12.04 19.01
N GLU B 441 -5.79 -13.16 18.30
CA GLU B 441 -4.91 -14.31 18.54
CA GLU B 441 -4.90 -14.29 18.56
C GLU B 441 -3.46 -13.94 18.23
N LEU B 442 -3.23 -13.34 17.07
CA LEU B 442 -1.86 -12.95 16.68
C LEU B 442 -1.25 -11.97 17.66
N TRP B 443 -2.02 -11.00 18.08
CA TRP B 443 -1.52 -9.94 18.93
C TRP B 443 -1.19 -10.42 20.36
N ARG B 444 -1.68 -11.60 20.74
CA ARG B 444 -1.17 -12.22 21.99
C ARG B 444 0.31 -12.46 21.94
N TYR B 445 0.84 -12.61 20.73
CA TYR B 445 2.23 -13.09 20.53
C TYR B 445 3.12 -12.09 19.86
N GLN B 446 2.59 -11.07 19.21
CA GLN B 446 3.41 -9.99 18.64
C GLN B 446 2.61 -8.71 18.55
N THR B 447 3.29 -7.57 18.54
CA THR B 447 2.59 -6.32 18.50
C THR B 447 1.92 -6.10 17.15
N PRO B 448 0.85 -5.30 17.14
CA PRO B 448 0.35 -4.84 15.84
C PRO B 448 1.45 -4.12 15.08
N SER B 449 1.42 -4.25 13.75
CA SER B 449 2.39 -3.52 12.93
C SER B 449 1.82 -3.21 11.57
N GLN B 450 2.62 -2.50 10.78
CA GLN B 450 2.24 -2.17 9.42
C GLN B 450 1.98 -3.41 8.59
N GLN B 451 2.60 -4.53 8.96
CA GLN B 451 2.42 -5.77 8.24
C GLN B 451 1.03 -6.35 8.32
N ASP B 452 0.24 -5.85 9.26
CA ASP B 452 -1.12 -6.33 9.43
C ASP B 452 -2.10 -5.73 8.41
N ILE B 453 -1.63 -4.75 7.65
CA ILE B 453 -2.46 -4.08 6.65
C ILE B 453 -1.82 -4.32 5.28
N SER B 454 -2.57 -4.91 4.37
CA SER B 454 -2.06 -5.32 3.06
C SER B 454 -2.18 -4.25 1.97
N TYR B 455 -3.08 -3.30 2.17
CA TYR B 455 -3.48 -2.39 1.11
C TYR B 455 -3.03 -0.97 1.44
N LYS B 456 -3.02 -0.14 0.41
CA LYS B 456 -2.57 1.22 0.54
C LYS B 456 -3.59 2.13 1.22
N GLU B 457 -3.09 3.18 1.85
CA GLU B 457 -3.88 4.29 2.36
C GLU B 457 -5.00 3.85 3.31
N ALA B 458 -4.68 2.99 4.27
CA ALA B 458 -5.70 2.60 5.26
C ALA B 458 -6.23 3.81 6.03
N LEU B 459 -7.50 3.75 6.43
CA LEU B 459 -8.12 4.86 7.17
C LEU B 459 -7.51 5.05 8.54
N PHE B 460 -7.27 3.95 9.24
CA PHE B 460 -6.67 3.94 10.57
C PHE B 460 -5.27 3.39 10.42
N PRO B 461 -4.27 4.11 10.92
CA PRO B 461 -2.93 3.61 10.85
C PRO B 461 -2.71 2.45 11.81
N ALA B 462 -1.70 1.62 11.56
CA ALA B 462 -1.32 0.57 12.51
C ALA B 462 -1.08 1.08 13.95
N ALA B 463 -0.54 2.30 14.11
CA ALA B 463 -0.32 2.88 15.41
C ALA B 463 -1.63 2.97 16.18
N SER B 464 -2.74 3.22 15.48
CA SER B 464 -4.03 3.31 16.17
C SER B 464 -4.38 2.01 16.89
N PHE B 465 -4.06 0.88 16.28
CA PHE B 465 -4.32 -0.43 16.87
C PHE B 465 -3.43 -0.62 18.09
N GLN B 466 -2.19 -0.14 17.95
CA GLN B 466 -1.30 -0.21 19.12
C GLN B 466 -1.81 0.66 20.28
N TYR B 467 -2.23 1.87 19.97
CA TYR B 467 -2.69 2.78 21.02
C TYR B 467 -3.91 2.22 21.77
N VAL B 468 -4.84 1.63 21.03
CA VAL B 468 -6.02 1.06 21.68
C VAL B 468 -5.71 -0.22 22.45
N LEU B 469 -5.04 -1.16 21.79
CA LEU B 469 -4.70 -2.44 22.36
C LEU B 469 -3.95 -2.23 23.68
N TYR B 470 -2.90 -1.42 23.65
CA TYR B 470 -2.06 -1.26 24.85
C TYR B 470 -2.57 -0.17 25.80
N GLY B 471 -3.38 0.77 25.30
CA GLY B 471 -4.14 1.67 26.15
C GLY B 471 -5.01 0.90 27.10
N SER B 473 -4.43 -2.18 28.16
CA SER B 473 -3.66 -3.09 28.96
C SER B 473 -3.67 -4.54 28.47
N PHE B 474 -3.83 -4.72 27.17
CA PHE B 474 -3.75 -6.05 26.56
C PHE B 474 -2.32 -6.62 26.68
N ASN B 475 -2.23 -7.91 26.96
CA ASN B 475 -0.94 -8.55 27.16
CA ASN B 475 -0.92 -8.53 27.14
C ASN B 475 -0.41 -9.21 25.89
N THR B 476 0.84 -8.86 25.53
CA THR B 476 1.51 -9.46 24.38
C THR B 476 2.83 -10.06 24.87
N GLN B 477 3.09 -11.28 24.42
CA GLN B 477 4.35 -12.00 24.72
C GLN B 477 5.55 -11.12 24.38
N LEU B 478 6.52 -11.05 25.30
CA LEU B 478 7.70 -10.21 25.01
C LEU B 478 8.58 -10.76 23.88
N PRO B 479 9.06 -9.89 22.99
CA PRO B 479 10.09 -10.32 22.07
C PRO B 479 11.29 -10.94 22.75
N THR B 480 11.90 -11.89 22.08
CA THR B 480 13.16 -12.48 22.53
C THR B 480 14.27 -12.12 21.56
N HIS B 481 15.50 -12.31 22.00
CA HIS B 481 16.65 -12.10 21.15
C HIS B 481 16.65 -10.70 20.56
N VAL B 482 16.34 -9.72 21.39
CA VAL B 482 16.31 -8.35 20.93
C VAL B 482 17.72 -7.88 20.61
N LYS B 483 17.88 -7.20 19.48
CA LYS B 483 19.21 -6.66 19.08
C LYS B 483 19.62 -5.47 19.95
N PRO B 484 20.79 -5.57 20.62
CA PRO B 484 21.23 -4.46 21.49
C PRO B 484 21.24 -3.09 20.79
N SER B 485 21.66 -3.04 19.55
CA SER B 485 21.68 -1.76 18.81
C SER B 485 20.30 -1.12 18.69
N GLN B 487 17.69 -1.84 20.77
CA GLN B 487 17.37 -1.46 22.13
C GLN B 487 17.93 -0.08 22.45
N GLN B 488 19.18 0.15 22.04
CA GLN B 488 19.85 1.42 22.33
C GLN B 488 19.19 2.58 21.60
N LEU B 489 18.83 2.34 20.34
CA LEU B 489 18.09 3.33 19.55
C LEU B 489 16.71 3.65 20.20
N ALA B 490 15.98 2.60 20.56
CA ALA B 490 14.74 2.80 21.27
C ALA B 490 14.92 3.66 22.54
N GLN B 491 15.97 3.39 23.34
CA GLN B 491 16.18 4.16 24.54
C GLN B 491 16.36 5.63 24.22
N ARG B 492 17.15 5.90 23.19
CA ARG B 492 17.37 7.30 22.77
CA ARG B 492 17.36 7.29 22.78
C ARG B 492 16.06 7.94 22.35
N LEU B 493 15.25 7.21 21.60
CA LEU B 493 13.93 7.75 21.17
C LEU B 493 12.95 7.98 22.32
N PHE B 494 12.92 7.08 23.30
CA PHE B 494 12.21 7.31 24.54
C PHE B 494 12.68 8.59 25.21
N ASN B 495 14.01 8.72 25.39
CA ASN B 495 14.58 9.93 25.99
C ASN B 495 14.22 11.20 25.23
N ASP B 496 14.28 11.11 23.92
CA ASP B 496 13.97 12.26 23.08
C ASP B 496 12.51 12.67 23.18
N ASN B 497 11.62 11.68 23.24
CA ASN B 497 10.19 11.98 23.43
C ASN B 497 9.95 12.69 24.77
N GLN B 498 10.67 12.27 25.82
CA GLN B 498 10.56 12.88 27.13
C GLN B 498 11.02 14.33 27.05
N GLN B 499 12.13 14.58 26.37
CA GLN B 499 12.66 15.95 26.27
C GLN B 499 11.71 16.84 25.47
N ARG B 500 11.20 16.31 24.37
CA ARG B 500 10.26 17.08 23.54
C ARG B 500 8.99 17.42 24.28
N THR B 501 8.47 16.44 25.02
CA THR B 501 7.26 16.62 25.82
C THR B 501 7.47 17.76 26.82
N GLN B 502 8.59 17.71 27.52
CA GLN B 502 8.83 18.71 28.54
C GLN B 502 8.94 20.09 27.94
N ALA B 503 9.65 20.20 26.82
CA ALA B 503 9.83 21.48 26.14
C ALA B 503 8.47 22.03 25.66
N LEU B 504 7.68 21.19 25.00
CA LEU B 504 6.38 21.65 24.52
C LEU B 504 5.43 22.02 25.67
N SER B 505 5.58 21.41 26.85
CA SER B 505 4.67 21.68 27.95
C SER B 505 4.77 23.14 28.41
N LYS B 506 5.92 23.76 28.13
CA LYS B 506 6.16 25.17 28.47
C LYS B 506 5.94 26.16 27.33
N ASN B 507 5.77 25.67 26.10
CA ASN B 507 5.69 26.54 24.94
C ASN B 507 4.43 26.38 24.11
N LEU B 508 3.39 25.81 24.70
CA LEU B 508 2.11 25.68 23.99
C LEU B 508 0.99 26.38 24.75
N PRO B 509 0.03 26.99 24.01
CA PRO B 509 -1.12 27.59 24.62
C PRO B 509 -2.14 26.53 24.98
N THR B 510 -3.04 26.84 25.91
CA THR B 510 -4.21 25.99 26.11
C THR B 510 -5.13 26.17 24.91
N ASN B 511 -6.13 25.31 24.77
CA ASN B 511 -7.07 25.48 23.67
C ASN B 511 -7.81 26.81 23.70
N ARG B 512 -8.32 27.18 24.88
CA ARG B 512 -9.01 28.47 25.03
C ARG B 512 -8.07 29.65 24.67
N GLU B 513 -6.83 29.56 25.15
CA GLU B 513 -5.84 30.63 24.91
C GLU B 513 -5.62 30.78 23.41
N LEU B 514 -5.46 29.67 22.71
CA LEU B 514 -5.23 29.73 21.26
C LEU B 514 -6.44 30.20 20.49
N LEU B 515 -7.63 29.70 20.87
CA LEU B 515 -8.85 30.09 20.21
C LEU B 515 -9.15 31.58 20.37
N ASP B 516 -8.81 32.13 21.55
CA ASP B 516 -8.96 33.57 21.78
C ASP B 516 -8.01 34.34 20.88
N LYS B 517 -6.79 33.86 20.71
CA LYS B 517 -5.88 34.49 19.77
C LYS B 517 -6.27 34.33 18.29
N VAL B 518 -6.84 33.18 17.92
CA VAL B 518 -7.29 33.03 16.54
C VAL B 518 -8.44 34.00 16.30
N ALA B 519 -9.31 34.17 17.28
CA ALA B 519 -10.45 35.07 17.15
C ALA B 519 -9.98 36.50 16.96
N GLN B 520 -9.01 36.92 17.76
CA GLN B 520 -8.54 38.32 17.78
C GLN B 520 -7.44 38.66 16.78
N TYR B 521 -6.49 37.74 16.57
CA TYR B 521 -5.30 38.07 15.78
C TYR B 521 -5.06 37.14 14.59
N GLY B 522 -5.35 35.86 14.77
CA GLY B 522 -5.25 34.89 13.69
C GLY B 522 -3.88 34.25 13.53
N PHE B 523 -3.86 33.03 12.97
CA PHE B 523 -2.62 32.43 12.49
C PHE B 523 -2.08 33.32 11.38
N PRO B 524 -0.80 33.16 11.02
CA PRO B 524 -0.24 33.98 9.94
C PRO B 524 -0.97 33.82 8.63
N LYS B 525 -1.11 34.94 7.90
CA LYS B 525 -1.71 34.93 6.57
C LYS B 525 -0.79 34.22 5.58
N LEU B 526 -1.37 33.34 4.76
CA LEU B 526 -0.59 32.54 3.81
#